data_4RA5
#
_entry.id   4RA5
#
_cell.length_a   74.822
_cell.length_b   77.026
_cell.length_c   147.547
_cell.angle_alpha   90.00
_cell.angle_beta   90.00
_cell.angle_gamma   90.00
#
_symmetry.space_group_name_H-M   'P 21 21 21'
#
loop_
_entity.id
_entity.type
_entity.pdbx_description
1 polymer 'HUMAN PROTEIN KINASE C THETA'
2 non-polymer (1R)-9-[(1,3-dimethylazetidin-3-yl)(methyl)amino]-1-methyl-8-phenyl-3,5-dihydro[1,2,4]triazino[3,4-c][1,4]benzoxazin-2(1H)-one
3 non-polymer 'SODIUM ION'
4 non-polymer 1,2-ETHANEDIOL
5 water water
#
_entity_poly.entity_id   1
_entity_poly.type   'polypeptide(L)'
_entity_poly.pdbx_seq_one_letter_code
;KLKIEDFELHKMLGKGSFGKVFLAEFKKTNQFFAIKALKKDVVLMDDDVECTMVEKRVLSLAWEHPFLTHMFCTFQTKEN
LFFVMEYLNGGDLMYHIQSCHKFDLSRATFYAAEIILGLQFLHSKGIVYRDLKLDNILLDKDGHIKIADFGMCKENMLGD
AKTNEFCGTPDYIAPEILLGQKYNHSVDWWSFGVLLYEMLIGQSPFHGQDEEELFHSIRMDNPFYPRWLEKEAKDLLVKL
FVREPEKRLGVRGDIRQHPLFREINWEELERKEIDPPFRPKVKSPFDCSNFDKEFLNEKPRL(SEP)FADRALINSMDQN
MFRNF(SEP)FMNPGMERLISH
;
_entity_poly.pdbx_strand_id   A,B
#
loop_
_chem_comp.id
_chem_comp.type
_chem_comp.name
_chem_comp.formula
3L0 non-polymer (1R)-9-[(1,3-dimethylazetidin-3-yl)(methyl)amino]-1-methyl-8-phenyl-3,5-dihydro[1,2,4]triazino[3,4-c][1,4]benzoxazin-2(1H)-one 'C23 H27 N5 O2'
EDO non-polymer 1,2-ETHANEDIOL 'C2 H6 O2'
NA non-polymer 'SODIUM ION' 'Na 1'
#
# COMPACT_ATOMS: atom_id res chain seq x y z
N LYS A 1 -2.20 28.35 19.18
CA LYS A 1 -2.47 27.24 20.15
C LYS A 1 -3.83 26.58 19.89
N LEU A 2 -3.81 25.53 19.07
CA LEU A 2 -4.98 24.69 18.81
C LEU A 2 -4.50 23.23 18.75
N LYS A 3 -5.04 22.40 19.64
CA LYS A 3 -4.64 20.98 19.75
C LYS A 3 -5.85 20.06 19.59
N ILE A 4 -5.59 18.79 19.26
CA ILE A 4 -6.64 17.78 19.09
C ILE A 4 -7.38 17.45 20.39
N GLU A 5 -6.70 17.66 21.53
CA GLU A 5 -7.32 17.57 22.87
C GLU A 5 -8.57 18.47 23.01
N ASP A 6 -8.59 19.60 22.28
CA ASP A 6 -9.77 20.48 22.21
C ASP A 6 -11.00 19.79 21.60
N PHE A 7 -10.77 18.83 20.71
CA PHE A 7 -11.84 18.08 20.07
C PHE A 7 -12.15 16.79 20.83
N GLU A 8 -13.43 16.52 21.06
CA GLU A 8 -13.89 15.21 21.49
C GLU A 8 -14.21 14.37 20.25
N LEU A 9 -13.52 13.22 20.11
CA LEU A 9 -13.73 12.31 18.98
C LEU A 9 -14.78 11.26 19.35
N HIS A 10 -15.94 11.32 18.70
CA HIS A 10 -17.07 10.46 19.04
C HIS A 10 -16.98 9.09 18.36
N LYS A 11 -16.78 9.09 17.04
CA LYS A 11 -16.69 7.85 16.26
C LYS A 11 -15.62 7.95 15.15
N MET A 12 -15.20 6.79 14.67
CA MET A 12 -14.30 6.71 13.51
C MET A 12 -15.15 6.44 12.27
N LEU A 13 -15.22 7.44 11.39
CA LEU A 13 -16.04 7.37 10.18
C LEU A 13 -15.36 6.57 9.07
N GLY A 14 -14.03 6.59 9.05
CA GLY A 14 -13.25 5.86 8.04
C GLY A 14 -11.83 5.58 8.47
N LYS A 15 -11.20 4.63 7.78
CA LYS A 15 -9.84 4.20 8.07
C LYS A 15 -9.14 3.72 6.80
N GLY A 16 -7.82 3.80 6.80
CA GLY A 16 -7.02 3.30 5.69
C GLY A 16 -5.54 3.35 5.99
N SER A 17 -4.73 2.94 5.00
CA SER A 17 -3.27 3.09 5.08
C SER A 17 -2.82 4.55 5.19
N PHE A 18 -3.55 5.48 4.58
CA PHE A 18 -3.27 6.93 4.70
C PHE A 18 -3.39 7.42 6.15
N GLY A 19 -4.37 6.87 6.87
CA GLY A 19 -4.69 7.33 8.21
C GLY A 19 -6.15 7.06 8.53
N LYS A 20 -6.77 7.99 9.25
CA LYS A 20 -8.14 7.83 9.75
C LYS A 20 -8.94 9.11 9.54
N VAL A 21 -10.27 8.96 9.50
CA VAL A 21 -11.21 10.09 9.53
C VAL A 21 -12.15 9.89 10.72
N PHE A 22 -12.25 10.89 11.59
CA PHE A 22 -13.11 10.83 12.78
C PHE A 22 -14.28 11.82 12.71
N LEU A 23 -15.41 11.45 13.32
CA LEU A 23 -16.49 12.39 13.63
C LEU A 23 -16.17 13.10 14.93
N ALA A 24 -15.83 14.39 14.85
CA ALA A 24 -15.29 15.16 15.97
C ALA A 24 -16.19 16.32 16.37
N GLU A 25 -16.29 16.55 17.69
CA GLU A 25 -16.98 17.72 18.27
C GLU A 25 -15.95 18.64 18.91
N PHE A 26 -16.12 19.95 18.78
CA PHE A 26 -15.21 20.93 19.38
C PHE A 26 -15.68 21.39 20.77
N LYS A 27 -14.87 21.12 21.80
CA LYS A 27 -15.06 21.65 23.18
C LYS A 27 -16.50 21.54 23.75
N LYS A 28 -17.20 20.45 23.41
CA LYS A 28 -18.58 20.20 23.89
C LYS A 28 -19.59 21.31 23.52
N THR A 29 -19.38 21.95 22.36
CA THR A 29 -20.23 23.06 21.90
C THR A 29 -21.32 22.63 20.89
N ASN A 30 -21.55 21.31 20.76
CA ASN A 30 -22.54 20.77 19.82
C ASN A 30 -22.26 21.18 18.35
N GLN A 31 -20.99 21.44 18.05
CA GLN A 31 -20.54 21.96 16.76
C GLN A 31 -19.64 20.89 16.14
N PHE A 32 -20.18 20.13 15.19
CA PHE A 32 -19.51 18.93 14.68
C PHE A 32 -18.65 19.14 13.44
N PHE A 33 -17.62 18.30 13.33
CA PHE A 33 -16.65 18.36 12.24
C PHE A 33 -16.24 16.94 11.83
N ALA A 34 -15.53 16.85 10.72
CA ALA A 34 -14.85 15.62 10.30
C ALA A 34 -13.36 15.92 10.27
N ILE A 35 -12.56 15.11 10.95
CA ILE A 35 -11.11 15.32 11.06
C ILE A 35 -10.36 14.16 10.42
N LYS A 36 -9.75 14.42 9.25
CA LYS A 36 -8.79 13.50 8.67
C LYS A 36 -7.48 13.67 9.47
N ALA A 37 -7.08 12.60 10.15
CA ALA A 37 -5.84 12.57 10.94
C ALA A 37 -4.80 11.69 10.25
N LEU A 38 -3.68 12.29 9.85
CA LEU A 38 -2.53 11.55 9.30
C LEU A 38 -1.39 11.52 10.33
N LYS A 39 -0.51 10.54 10.17
CA LYS A 39 0.77 10.46 10.90
C LYS A 39 1.88 10.85 9.94
N LYS A 40 2.84 11.66 10.40
CA LYS A 40 3.90 12.18 9.53
C LYS A 40 4.88 11.11 9.03
N ASP A 41 5.12 10.09 9.84
CA ASP A 41 5.99 8.96 9.44
C ASP A 41 5.37 8.12 8.33
N VAL A 42 4.05 7.93 8.39
CA VAL A 42 3.30 7.24 7.34
C VAL A 42 3.40 8.04 6.05
N VAL A 43 3.06 9.33 6.15
CA VAL A 43 3.12 10.28 5.02
C VAL A 43 4.51 10.34 4.39
N LEU A 44 5.55 10.35 5.24
CA LEU A 44 6.93 10.35 4.77
C LEU A 44 7.30 9.07 4.01
N MET A 45 7.00 7.93 4.63
CA MET A 45 7.32 6.62 4.03
C MET A 45 6.50 6.34 2.75
N ASP A 46 5.28 6.86 2.70
CA ASP A 46 4.46 6.81 1.48
C ASP A 46 4.87 7.84 0.40
N ASP A 47 5.78 8.76 0.75
CA ASP A 47 6.26 9.83 -0.15
C ASP A 47 5.12 10.81 -0.53
N ASP A 48 4.28 11.15 0.45
CA ASP A 48 3.09 11.99 0.23
C ASP A 48 3.17 13.35 0.95
N VAL A 49 4.38 13.87 1.11
CA VAL A 49 4.59 15.15 1.79
C VAL A 49 4.02 16.27 0.92
N GLU A 50 4.42 16.31 -0.34
CA GLU A 50 3.89 17.29 -1.29
C GLU A 50 2.38 17.14 -1.50
N CYS A 51 1.91 15.90 -1.52
CA CYS A 51 0.48 15.60 -1.65
C CYS A 51 -0.34 16.19 -0.52
N THR A 52 0.17 16.03 0.70
CA THR A 52 -0.42 16.66 1.89
C THR A 52 -0.50 18.18 1.72
N MET A 53 0.59 18.78 1.22
CA MET A 53 0.66 20.23 1.00
C MET A 53 -0.26 20.69 -0.11
N VAL A 54 -0.30 19.94 -1.20
CA VAL A 54 -1.26 20.18 -2.27
C VAL A 54 -2.70 20.09 -1.73
N GLU A 55 -2.97 19.08 -0.90
CA GLU A 55 -4.30 18.96 -0.27
C GLU A 55 -4.68 20.20 0.54
N LYS A 56 -3.74 20.72 1.33
CA LYS A 56 -3.99 21.91 2.16
C LYS A 56 -4.26 23.14 1.31
N ARG A 57 -3.43 23.35 0.29
CA ARG A 57 -3.51 24.53 -0.56
C ARG A 57 -4.77 24.56 -1.42
N VAL A 58 -5.14 23.41 -1.99
CA VAL A 58 -6.36 23.28 -2.80
C VAL A 58 -7.61 23.51 -1.94
N LEU A 59 -7.62 22.94 -0.74
CA LEU A 59 -8.72 23.15 0.21
C LEU A 59 -8.86 24.60 0.69
N SER A 60 -7.77 25.37 0.63
CA SER A 60 -7.83 26.83 0.87
C SER A 60 -8.57 27.55 -0.27
N LEU A 61 -8.50 27.02 -1.49
CA LEU A 61 -9.30 27.54 -2.61
C LEU A 61 -10.74 27.02 -2.62
N ALA A 62 -10.96 25.85 -2.01
CA ALA A 62 -12.25 25.13 -2.13
C ALA A 62 -13.46 25.73 -1.38
N TRP A 63 -13.19 26.67 -0.48
N TRP A 63 -13.24 26.68 -0.48
CA TRP A 63 -14.21 27.45 0.26
CA TRP A 63 -14.36 27.33 0.23
C TRP A 63 -15.22 28.17 -0.65
C TRP A 63 -15.30 28.11 -0.71
N GLU A 64 -14.76 28.65 -1.81
CA GLU A 64 -15.56 29.44 -2.75
C GLU A 64 -16.63 28.68 -3.53
N HIS A 65 -16.54 27.35 -3.60
CA HIS A 65 -17.43 26.54 -4.45
C HIS A 65 -18.31 25.60 -3.62
N PRO A 66 -19.61 25.50 -3.97
CA PRO A 66 -20.54 24.66 -3.22
C PRO A 66 -20.33 23.15 -3.28
N PHE A 67 -19.71 22.65 -4.36
CA PHE A 67 -19.56 21.19 -4.58
C PHE A 67 -18.13 20.67 -4.38
N LEU A 68 -17.38 21.31 -3.50
CA LEU A 68 -16.11 20.81 -2.99
C LEU A 68 -16.21 20.71 -1.47
N THR A 69 -15.50 19.76 -0.87
CA THR A 69 -15.42 19.65 0.59
C THR A 69 -14.78 20.91 1.15
N HIS A 70 -15.46 21.56 2.10
CA HIS A 70 -14.95 22.79 2.74
C HIS A 70 -14.11 22.44 3.97
N MET A 71 -12.99 23.16 4.11
CA MET A 71 -12.05 22.97 5.19
C MET A 71 -12.07 24.21 6.08
N PHE A 72 -12.23 24.00 7.39
CA PHE A 72 -12.28 25.07 8.37
C PHE A 72 -10.88 25.47 8.86
N CYS A 73 -10.04 24.47 9.13
CA CYS A 73 -8.64 24.70 9.52
C CYS A 73 -7.75 23.47 9.42
N THR A 74 -6.45 23.72 9.37
CA THR A 74 -5.41 22.69 9.41
C THR A 74 -4.40 23.02 10.51
N PHE A 75 -3.84 21.98 11.13
CA PHE A 75 -2.77 22.14 12.12
C PHE A 75 -1.96 20.86 12.29
N GLN A 76 -0.75 21.01 12.83
CA GLN A 76 0.19 19.91 12.99
C GLN A 76 0.80 19.88 14.39
N THR A 77 1.10 18.67 14.87
CA THR A 77 1.90 18.44 16.06
C THR A 77 3.21 17.80 15.60
N LYS A 78 4.04 17.37 16.54
CA LYS A 78 5.32 16.69 16.21
C LYS A 78 5.11 15.40 15.41
N GLU A 79 4.03 14.67 15.69
CA GLU A 79 3.69 13.43 14.99
C GLU A 79 2.61 13.59 13.91
N ASN A 80 1.61 14.45 14.18
CA ASN A 80 0.33 14.41 13.45
C ASN A 80 0.07 15.57 12.48
N LEU A 81 -0.74 15.30 11.46
CA LEU A 81 -1.34 16.31 10.59
C LEU A 81 -2.86 16.14 10.63
N PHE A 82 -3.57 17.21 11.01
CA PHE A 82 -5.04 17.20 11.07
C PHE A 82 -5.67 18.17 10.05
N PHE A 83 -6.60 17.65 9.24
CA PHE A 83 -7.49 18.47 8.39
C PHE A 83 -8.88 18.52 9.02
N VAL A 84 -9.25 19.66 9.59
CA VAL A 84 -10.56 19.84 10.22
C VAL A 84 -11.55 20.29 9.15
N MET A 85 -12.46 19.38 8.77
CA MET A 85 -13.41 19.59 7.68
C MET A 85 -14.84 19.73 8.18
N GLU A 86 -15.72 20.19 7.30
CA GLU A 86 -17.17 20.08 7.52
C GLU A 86 -17.54 18.60 7.55
N TYR A 87 -18.58 18.25 8.30
CA TYR A 87 -19.01 16.85 8.43
C TYR A 87 -20.10 16.52 7.41
N LEU A 88 -19.76 15.73 6.39
CA LEU A 88 -20.70 15.38 5.30
C LEU A 88 -21.22 13.94 5.46
N ASN A 89 -22.43 13.82 6.00
CA ASN A 89 -22.97 12.52 6.45
C ASN A 89 -23.99 11.86 5.52
N GLY A 90 -24.04 12.30 4.26
CA GLY A 90 -24.91 11.69 3.26
C GLY A 90 -24.44 10.33 2.78
N GLY A 91 -23.14 10.06 2.94
CA GLY A 91 -22.50 8.84 2.42
C GLY A 91 -21.95 9.10 1.03
N ASP A 92 -20.87 8.40 0.68
CA ASP A 92 -20.25 8.55 -0.65
C ASP A 92 -20.97 7.70 -1.71
N LEU A 93 -20.64 7.93 -2.97
CA LEU A 93 -21.36 7.29 -4.09
C LEU A 93 -21.06 5.80 -4.24
N MET A 94 -19.83 5.38 -3.93
CA MET A 94 -19.47 3.96 -3.98
C MET A 94 -20.32 3.18 -3.00
N TYR A 95 -20.34 3.63 -1.75
CA TYR A 95 -21.24 3.08 -0.72
C TYR A 95 -22.68 2.94 -1.22
N HIS A 96 -23.25 4.04 -1.68
CA HIS A 96 -24.64 4.05 -2.19
C HIS A 96 -24.85 3.12 -3.39
N ILE A 97 -23.86 3.03 -4.30
CA ILE A 97 -23.99 2.18 -5.49
C ILE A 97 -23.83 0.68 -5.20
N GLN A 98 -23.11 0.32 -4.14
N GLN A 98 -23.12 0.31 -4.14
CA GLN A 98 -23.03 -1.09 -3.70
CA GLN A 98 -23.04 -1.11 -3.73
C GLN A 98 -24.41 -1.65 -3.34
C GLN A 98 -24.42 -1.65 -3.35
N SER A 99 -25.25 -0.80 -2.75
CA SER A 99 -26.62 -1.17 -2.37
C SER A 99 -27.57 -1.36 -3.56
N CYS A 100 -27.59 -0.41 -4.49
CA CYS A 100 -28.52 -0.43 -5.64
C CYS A 100 -27.92 -0.83 -7.00
N HIS A 101 -26.60 -1.05 -7.06
N HIS A 101 -26.60 -0.98 -7.05
CA HIS A 101 -25.87 -1.50 -8.28
CA HIS A 101 -25.86 -1.47 -8.23
C HIS A 101 -25.75 -0.45 -9.37
C HIS A 101 -25.78 -0.50 -9.41
N LYS A 102 -26.80 0.32 -9.59
CA LYS A 102 -26.95 1.19 -10.77
C LYS A 102 -27.72 2.43 -10.31
N PHE A 103 -27.38 3.61 -10.82
CA PHE A 103 -28.18 4.82 -10.56
C PHE A 103 -29.15 5.04 -11.71
N ASP A 104 -30.37 5.44 -11.37
CA ASP A 104 -31.36 5.85 -12.40
C ASP A 104 -30.89 7.10 -13.14
N LEU A 105 -31.38 7.26 -14.36
CA LEU A 105 -30.87 8.25 -15.31
C LEU A 105 -30.88 9.69 -14.79
N SER A 106 -31.97 10.08 -14.14
CA SER A 106 -32.08 11.42 -13.54
C SER A 106 -31.05 11.63 -12.44
N ARG A 107 -30.90 10.62 -11.58
CA ARG A 107 -29.95 10.66 -10.47
C ARG A 107 -28.51 10.74 -10.96
N ALA A 108 -28.16 9.89 -11.93
CA ALA A 108 -26.82 9.92 -12.53
C ALA A 108 -26.54 11.26 -13.22
N THR A 109 -27.53 11.74 -13.97
CA THR A 109 -27.42 13.04 -14.66
C THR A 109 -27.18 14.21 -13.71
N PHE A 110 -27.91 14.23 -12.59
CA PHE A 110 -27.76 15.23 -11.53
C PHE A 110 -26.35 15.24 -10.97
N TYR A 111 -25.85 14.06 -10.58
CA TYR A 111 -24.50 13.92 -10.04
C TYR A 111 -23.44 14.34 -11.03
N ALA A 112 -23.54 13.81 -12.26
CA ALA A 112 -22.68 14.22 -13.36
C ALA A 112 -22.61 15.75 -13.53
N ALA A 113 -23.78 16.40 -13.51
CA ALA A 113 -23.87 17.86 -13.67
C ALA A 113 -23.23 18.66 -12.54
N GLU A 114 -23.44 18.22 -11.30
CA GLU A 114 -22.84 18.89 -10.14
C GLU A 114 -21.32 18.69 -10.09
N ILE A 115 -20.87 17.52 -10.54
CA ILE A 115 -19.43 17.20 -10.65
C ILE A 115 -18.76 18.09 -11.70
N ILE A 116 -19.43 18.28 -12.83
CA ILE A 116 -18.97 19.21 -13.88
C ILE A 116 -18.72 20.62 -13.30
N LEU A 117 -19.67 21.13 -12.54
CA LEU A 117 -19.48 22.42 -11.87
C LEU A 117 -18.27 22.40 -10.93
N GLY A 118 -18.10 21.31 -10.18
CA GLY A 118 -16.92 21.10 -9.36
C GLY A 118 -15.62 21.12 -10.15
N LEU A 119 -15.55 20.31 -11.21
CA LEU A 119 -14.31 20.14 -11.98
C LEU A 119 -13.91 21.40 -12.73
N GLN A 120 -14.87 22.00 -13.43
CA GLN A 120 -14.63 23.25 -14.17
C GLN A 120 -14.16 24.40 -13.27
N PHE A 121 -14.63 24.45 -12.03
CA PHE A 121 -14.13 25.41 -11.05
C PHE A 121 -12.66 25.19 -10.75
N LEU A 122 -12.27 23.94 -10.59
CA LEU A 122 -10.89 23.57 -10.29
C LEU A 122 -9.98 23.89 -11.47
N HIS A 123 -10.43 23.48 -12.66
CA HIS A 123 -9.70 23.74 -13.90
C HIS A 123 -9.49 25.25 -14.12
N SER A 124 -10.52 26.05 -13.81
CA SER A 124 -10.45 27.52 -13.93
C SER A 124 -9.44 28.18 -12.98
N LYS A 125 -9.16 27.52 -11.85
CA LYS A 125 -8.15 27.96 -10.90
C LYS A 125 -6.77 27.35 -11.18
N GLY A 126 -6.63 26.57 -12.25
CA GLY A 126 -5.37 25.92 -12.61
C GLY A 126 -5.10 24.61 -11.88
N ILE A 127 -6.15 23.98 -11.34
CA ILE A 127 -6.04 22.73 -10.60
C ILE A 127 -6.59 21.57 -11.42
N VAL A 128 -5.76 20.57 -11.70
CA VAL A 128 -6.19 19.30 -12.30
C VAL A 128 -6.26 18.27 -11.19
N TYR A 129 -7.40 17.58 -11.11
CA TYR A 129 -7.77 16.78 -9.93
C TYR A 129 -7.10 15.41 -9.91
N ARG A 130 -7.23 14.67 -11.02
CA ARG A 130 -6.50 13.42 -11.29
C ARG A 130 -6.90 12.16 -10.49
N ASP A 131 -7.78 12.28 -9.49
CA ASP A 131 -8.24 11.13 -8.70
C ASP A 131 -9.76 11.06 -8.62
N LEU A 132 -10.42 11.32 -9.76
CA LEU A 132 -11.87 11.25 -9.82
C LEU A 132 -12.32 9.80 -9.80
N LYS A 133 -13.18 9.48 -8.83
CA LYS A 133 -13.75 8.15 -8.67
C LYS A 133 -14.95 8.19 -7.71
N LEU A 134 -15.73 7.12 -7.68
CA LEU A 134 -16.98 7.09 -6.93
C LEU A 134 -16.81 7.40 -5.46
N ASP A 135 -15.83 6.76 -4.83
CA ASP A 135 -15.66 6.90 -3.37
C ASP A 135 -15.02 8.24 -2.94
N ASN A 136 -14.57 9.04 -3.91
CA ASN A 136 -14.16 10.44 -3.67
C ASN A 136 -15.28 11.47 -3.87
N ILE A 137 -16.50 11.01 -4.19
CA ILE A 137 -17.68 11.90 -4.24
C ILE A 137 -18.57 11.66 -3.01
N LEU A 138 -18.49 12.59 -2.05
CA LEU A 138 -19.30 12.55 -0.82
C LEU A 138 -20.61 13.29 -1.04
N LEU A 139 -21.71 12.77 -0.49
CA LEU A 139 -22.99 13.50 -0.46
C LEU A 139 -23.17 14.24 0.86
N ASP A 140 -23.76 15.43 0.78
CA ASP A 140 -24.18 16.16 1.99
C ASP A 140 -25.51 15.60 2.48
N LYS A 141 -25.97 16.09 3.63
CA LYS A 141 -27.25 15.67 4.24
C LYS A 141 -28.50 15.78 3.33
N ASP A 142 -28.46 16.72 2.38
CA ASP A 142 -29.56 16.97 1.44
C ASP A 142 -29.47 16.19 0.13
N GLY A 143 -28.26 15.72 -0.22
CA GLY A 143 -28.06 14.88 -1.42
C GLY A 143 -27.24 15.48 -2.55
N HIS A 144 -26.72 16.70 -2.39
CA HIS A 144 -25.81 17.31 -3.38
C HIS A 144 -24.41 16.76 -3.21
N ILE A 145 -23.63 16.78 -4.30
CA ILE A 145 -22.30 16.20 -4.30
C ILE A 145 -21.26 17.14 -3.72
N LYS A 146 -20.23 16.56 -3.12
CA LYS A 146 -19.06 17.28 -2.64
C LYS A 146 -17.85 16.48 -3.06
N ILE A 147 -17.00 17.05 -3.92
CA ILE A 147 -15.76 16.39 -4.34
C ILE A 147 -14.76 16.43 -3.17
N ALA A 148 -14.05 15.31 -2.96
CA ALA A 148 -13.16 15.13 -1.79
C ALA A 148 -11.78 14.62 -2.19
N ASP A 149 -10.83 14.72 -1.26
CA ASP A 149 -9.44 14.19 -1.40
C ASP A 149 -8.67 14.81 -2.57
N PHE A 150 -8.14 16.01 -2.34
CA PHE A 150 -7.40 16.76 -3.35
C PHE A 150 -5.87 16.59 -3.28
N GLY A 151 -5.41 15.59 -2.52
CA GLY A 151 -3.98 15.35 -2.36
C GLY A 151 -3.25 14.93 -3.61
N MET A 152 -3.98 14.41 -4.59
CA MET A 152 -3.42 14.02 -5.88
C MET A 152 -3.47 15.15 -6.91
N CYS A 153 -3.95 16.35 -6.54
CA CYS A 153 -4.05 17.48 -7.48
C CYS A 153 -2.73 17.99 -8.03
N LYS A 154 -2.79 18.70 -9.15
CA LYS A 154 -1.66 19.42 -9.72
C LYS A 154 -2.07 20.87 -9.90
N GLU A 155 -1.30 21.79 -9.31
CA GLU A 155 -1.57 23.22 -9.38
C GLU A 155 -0.85 23.89 -10.54
N ASN A 156 -1.17 25.17 -10.75
CA ASN A 156 -0.49 26.01 -11.76
C ASN A 156 -0.61 25.44 -13.18
N MET A 157 -1.78 24.92 -13.49
CA MET A 157 -2.07 24.31 -14.81
C MET A 157 -2.82 25.24 -15.78
N LEU A 158 -2.78 26.55 -15.54
CA LEU A 158 -3.38 27.52 -16.47
C LEU A 158 -2.49 27.72 -17.68
N GLY A 159 -3.08 28.29 -18.73
CA GLY A 159 -2.36 28.59 -19.97
C GLY A 159 -1.90 27.35 -20.71
N ASP A 160 -0.69 27.44 -21.27
CA ASP A 160 -0.10 26.39 -22.09
C ASP A 160 0.76 25.46 -21.21
N ALA A 161 0.14 24.91 -20.16
CA ALA A 161 0.87 24.21 -19.11
C ALA A 161 0.49 22.73 -19.08
N LYS A 162 1.50 21.88 -18.94
CA LYS A 162 1.32 20.42 -18.89
C LYS A 162 2.14 19.79 -17.76
N THR A 163 1.84 18.52 -17.47
CA THR A 163 2.60 17.77 -16.47
C THR A 163 2.71 16.30 -16.85
N ASN A 164 3.45 15.52 -16.05
CA ASN A 164 3.96 14.20 -16.49
C ASN A 164 3.94 13.04 -15.48
N GLU A 165 3.27 13.21 -14.33
CA GLU A 165 3.28 12.17 -13.30
C GLU A 165 2.26 11.08 -13.62
N PHE A 166 2.70 9.82 -13.56
CA PHE A 166 1.80 8.67 -13.68
C PHE A 166 1.04 8.52 -12.37
N CYS A 167 -0.25 8.85 -12.38
CA CYS A 167 -1.08 8.75 -11.18
C CYS A 167 -2.56 8.59 -11.49
N GLY A 168 -3.34 8.26 -10.47
CA GLY A 168 -4.77 8.02 -10.59
C GLY A 168 -5.16 6.64 -10.10
N THR A 169 -6.46 6.39 -10.01
CA THR A 169 -6.98 5.08 -9.64
C THR A 169 -7.15 4.28 -10.95
N PRO A 170 -6.53 3.07 -11.05
CA PRO A 170 -6.36 2.33 -12.32
C PRO A 170 -7.51 2.31 -13.32
N ASP A 171 -8.73 2.02 -12.85
CA ASP A 171 -9.92 2.02 -13.71
C ASP A 171 -10.18 3.34 -14.44
N TYR A 172 -9.77 4.44 -13.81
CA TYR A 172 -10.05 5.80 -14.27
C TYR A 172 -8.91 6.46 -15.05
N ILE A 173 -7.73 5.84 -15.06
CA ILE A 173 -6.52 6.47 -15.61
C ILE A 173 -6.67 6.66 -17.11
N ALA A 174 -6.39 7.87 -17.57
CA ALA A 174 -6.56 8.26 -18.97
C ALA A 174 -5.49 7.63 -19.86
N PRO A 175 -5.83 7.37 -21.15
CA PRO A 175 -4.85 6.73 -22.04
C PRO A 175 -3.59 7.55 -22.31
N GLU A 176 -3.71 8.89 -22.26
CA GLU A 176 -2.54 9.76 -22.43
C GLU A 176 -1.52 9.61 -21.29
N ILE A 177 -2.01 9.33 -20.07
CA ILE A 177 -1.12 9.04 -18.93
C ILE A 177 -0.43 7.68 -19.16
N LEU A 178 -1.22 6.67 -19.54
CA LEU A 178 -0.70 5.32 -19.82
C LEU A 178 0.32 5.31 -20.95
N LEU A 179 0.13 6.17 -21.94
CA LEU A 179 1.05 6.32 -23.07
C LEU A 179 2.29 7.19 -22.79
N GLY A 180 2.38 7.77 -21.60
CA GLY A 180 3.53 8.58 -21.21
C GLY A 180 3.54 10.01 -21.77
N GLN A 181 2.39 10.48 -22.20
CA GLN A 181 2.25 11.83 -22.76
C GLN A 181 2.17 12.86 -21.63
N LYS A 182 2.65 14.07 -21.91
CA LYS A 182 2.42 15.22 -21.02
C LYS A 182 0.95 15.65 -21.20
N TYR A 183 0.30 15.99 -20.09
CA TYR A 183 -1.16 16.19 -20.09
C TYR A 183 -1.61 17.43 -19.31
N ASN A 184 -2.86 17.79 -19.56
CA ASN A 184 -3.52 18.93 -18.92
C ASN A 184 -4.81 18.45 -18.22
N HIS A 185 -5.80 19.33 -18.06
CA HIS A 185 -7.11 18.94 -17.51
C HIS A 185 -7.86 17.81 -18.24
N SER A 186 -7.46 17.48 -19.47
CA SER A 186 -8.11 16.40 -20.22
C SER A 186 -8.31 15.09 -19.44
N VAL A 187 -7.32 14.71 -18.62
CA VAL A 187 -7.37 13.45 -17.85
C VAL A 187 -8.64 13.35 -17.00
N ASP A 188 -8.99 14.43 -16.31
CA ASP A 188 -10.18 14.50 -15.46
C ASP A 188 -11.47 14.18 -16.24
N TRP A 189 -11.53 14.58 -17.51
CA TRP A 189 -12.71 14.34 -18.34
C TRP A 189 -12.83 12.90 -18.83
N TRP A 190 -11.70 12.24 -19.05
CA TRP A 190 -11.71 10.78 -19.29
C TRP A 190 -12.19 10.06 -18.03
N SER A 191 -11.60 10.40 -16.88
CA SER A 191 -12.03 9.83 -15.59
C SER A 191 -13.52 10.10 -15.32
N PHE A 192 -13.96 11.32 -15.62
CA PHE A 192 -15.38 11.68 -15.51
C PHE A 192 -16.26 10.73 -16.32
N GLY A 193 -15.85 10.48 -17.56
CA GLY A 193 -16.51 9.50 -18.41
C GLY A 193 -16.60 8.10 -17.82
N VAL A 194 -15.51 7.66 -17.18
CA VAL A 194 -15.49 6.37 -16.47
C VAL A 194 -16.49 6.38 -15.31
N LEU A 195 -16.44 7.43 -14.49
CA LEU A 195 -17.36 7.60 -13.35
C LEU A 195 -18.82 7.59 -13.78
N LEU A 196 -19.14 8.39 -14.80
CA LEU A 196 -20.50 8.44 -15.37
C LEU A 196 -20.98 7.08 -15.87
N TYR A 197 -20.10 6.36 -16.55
CA TYR A 197 -20.39 4.99 -17.03
C TYR A 197 -20.73 4.05 -15.85
N GLU A 198 -19.97 4.15 -14.77
CA GLU A 198 -20.21 3.31 -13.59
C GLU A 198 -21.54 3.63 -12.93
N MET A 199 -21.87 4.92 -12.84
CA MET A 199 -23.17 5.35 -12.32
C MET A 199 -24.31 4.79 -13.16
N LEU A 200 -24.20 4.89 -14.48
CA LEU A 200 -25.27 4.49 -15.40
C LEU A 200 -25.39 2.98 -15.58
N ILE A 201 -24.25 2.31 -15.83
CA ILE A 201 -24.21 0.87 -16.21
C ILE A 201 -23.98 -0.07 -15.01
N GLY A 202 -23.31 0.41 -13.97
CA GLY A 202 -23.07 -0.39 -12.76
C GLY A 202 -21.84 -1.27 -12.76
N GLN A 203 -21.09 -1.26 -13.87
CA GLN A 203 -19.78 -1.91 -13.97
C GLN A 203 -18.81 -0.91 -14.59
N SER A 204 -17.54 -1.25 -14.58
CA SER A 204 -16.51 -0.41 -15.19
C SER A 204 -16.55 -0.56 -16.71
N PRO A 205 -16.09 0.46 -17.45
CA PRO A 205 -15.97 0.35 -18.91
C PRO A 205 -14.82 -0.53 -19.39
N PHE A 206 -13.73 -0.59 -18.62
CA PHE A 206 -12.54 -1.38 -18.98
C PHE A 206 -12.21 -2.40 -17.89
N HIS A 207 -11.66 -3.55 -18.30
CA HIS A 207 -11.52 -4.72 -17.42
C HIS A 207 -10.19 -5.45 -17.61
N GLY A 208 -9.81 -6.23 -16.60
CA GLY A 208 -8.63 -7.07 -16.66
C GLY A 208 -8.32 -7.76 -15.34
N GLN A 209 -7.78 -8.98 -15.40
CA GLN A 209 -7.37 -9.73 -14.19
C GLN A 209 -6.13 -9.14 -13.52
N ASP A 210 -5.33 -8.39 -14.28
CA ASP A 210 -4.23 -7.59 -13.72
C ASP A 210 -4.22 -6.19 -14.34
N GLU A 211 -3.28 -5.34 -13.93
CA GLU A 211 -3.16 -3.99 -14.47
C GLU A 211 -2.75 -3.96 -15.95
N GLU A 212 -1.85 -4.87 -16.34
CA GLU A 212 -1.40 -4.96 -17.73
C GLU A 212 -2.57 -5.20 -18.68
N GLU A 213 -3.49 -6.08 -18.31
CA GLU A 213 -4.71 -6.31 -19.10
C GLU A 213 -5.66 -5.12 -19.01
N LEU A 214 -5.77 -4.53 -17.82
CA LEU A 214 -6.66 -3.38 -17.60
C LEU A 214 -6.23 -2.15 -18.36
N PHE A 215 -4.93 -1.87 -18.32
CA PHE A 215 -4.36 -0.73 -19.04
C PHE A 215 -4.45 -0.91 -20.55
N HIS A 216 -4.24 -2.14 -21.02
CA HIS A 216 -4.48 -2.49 -22.42
C HIS A 216 -5.94 -2.25 -22.85
N SER A 217 -6.90 -2.64 -21.99
CA SER A 217 -8.31 -2.41 -22.25
C SER A 217 -8.63 -0.90 -22.39
N ILE A 218 -8.10 -0.10 -21.47
CA ILE A 218 -8.20 1.36 -21.52
C ILE A 218 -7.58 1.95 -22.80
N ARG A 219 -6.49 1.35 -23.27
CA ARG A 219 -5.82 1.79 -24.51
C ARG A 219 -6.54 1.38 -25.80
N MET A 220 -7.24 0.23 -25.78
CA MET A 220 -7.65 -0.46 -27.02
C MET A 220 -9.15 -0.83 -27.16
N ASP A 221 -9.80 -1.21 -26.06
CA ASP A 221 -11.14 -1.81 -26.13
C ASP A 221 -12.27 -0.78 -26.25
N ASN A 222 -13.24 -1.08 -27.11
CA ASN A 222 -14.44 -0.26 -27.27
C ASN A 222 -15.37 -0.49 -26.06
N PRO A 223 -15.78 0.59 -25.34
CA PRO A 223 -16.76 0.43 -24.24
C PRO A 223 -18.13 -0.16 -24.64
N PHE A 224 -18.64 -1.05 -23.80
CA PHE A 224 -19.94 -1.69 -24.01
C PHE A 224 -21.09 -0.79 -23.57
N TYR A 225 -22.01 -0.49 -24.49
CA TYR A 225 -23.22 0.28 -24.19
C TYR A 225 -24.45 -0.64 -24.38
N PRO A 226 -25.16 -1.00 -23.28
CA PRO A 226 -26.37 -1.83 -23.43
C PRO A 226 -27.47 -1.19 -24.28
N ARG A 227 -28.33 -2.04 -24.87
CA ARG A 227 -29.45 -1.58 -25.69
C ARG A 227 -30.40 -0.64 -24.94
N TRP A 228 -30.64 -0.94 -23.66
CA TRP A 228 -31.55 -0.13 -22.83
C TRP A 228 -31.10 1.31 -22.51
N LEU A 229 -29.82 1.61 -22.68
CA LEU A 229 -29.28 2.93 -22.33
C LEU A 229 -29.84 4.05 -23.20
N GLU A 230 -30.28 5.13 -22.54
CA GLU A 230 -30.76 6.37 -23.21
C GLU A 230 -29.75 6.86 -24.26
N LYS A 231 -30.25 7.24 -25.43
CA LYS A 231 -29.37 7.56 -26.57
C LYS A 231 -28.39 8.70 -26.28
N GLU A 232 -28.82 9.70 -25.52
CA GLU A 232 -27.97 10.85 -25.16
C GLU A 232 -26.95 10.51 -24.07
N ALA A 233 -27.28 9.56 -23.19
CA ALA A 233 -26.34 9.07 -22.18
C ALA A 233 -25.18 8.36 -22.85
N LYS A 234 -25.51 7.50 -23.82
CA LYS A 234 -24.51 6.89 -24.71
C LYS A 234 -23.66 7.96 -25.40
N ASP A 235 -24.32 8.97 -25.97
CA ASP A 235 -23.65 10.01 -26.77
C ASP A 235 -22.60 10.76 -25.96
N LEU A 236 -22.94 11.14 -24.73
CA LEU A 236 -22.01 11.87 -23.88
C LEU A 236 -20.80 10.99 -23.57
N LEU A 237 -21.06 9.76 -23.13
CA LEU A 237 -20.01 8.79 -22.83
C LEU A 237 -19.08 8.56 -24.03
N VAL A 238 -19.66 8.40 -25.22
CA VAL A 238 -18.86 8.25 -26.45
C VAL A 238 -17.96 9.46 -26.63
N LYS A 239 -18.57 10.65 -26.58
CA LYS A 239 -17.82 11.92 -26.73
C LYS A 239 -16.77 12.21 -25.64
N LEU A 240 -16.91 11.55 -24.48
CA LEU A 240 -15.88 11.60 -23.43
C LEU A 240 -14.77 10.55 -23.64
N PHE A 241 -15.13 9.37 -24.11
CA PHE A 241 -14.15 8.29 -24.38
C PHE A 241 -13.52 8.41 -25.77
N VAL A 242 -12.94 9.57 -26.04
CA VAL A 242 -12.16 9.82 -27.25
C VAL A 242 -10.73 9.89 -26.78
N ARG A 243 -9.85 9.05 -27.33
CA ARG A 243 -8.48 8.92 -26.79
C ARG A 243 -7.57 10.10 -27.09
N GLU A 244 -7.78 10.79 -28.21
CA GLU A 244 -7.05 12.04 -28.52
C GLU A 244 -7.54 13.18 -27.62
N PRO A 245 -6.74 13.59 -26.60
CA PRO A 245 -7.22 14.54 -25.57
C PRO A 245 -7.85 15.83 -26.09
N GLU A 246 -7.24 16.46 -27.08
CA GLU A 246 -7.73 17.73 -27.63
C GLU A 246 -8.99 17.60 -28.51
N LYS A 247 -9.42 16.37 -28.81
CA LYS A 247 -10.75 16.14 -29.42
C LYS A 247 -11.83 15.72 -28.40
N ARG A 248 -11.45 15.57 -27.13
CA ARG A 248 -12.37 15.10 -26.09
C ARG A 248 -13.29 16.21 -25.56
N LEU A 249 -14.58 15.88 -25.42
CA LEU A 249 -15.56 16.82 -24.87
C LEU A 249 -15.20 17.15 -23.42
N GLY A 250 -15.29 18.44 -23.08
CA GLY A 250 -14.72 18.96 -21.82
C GLY A 250 -13.41 19.71 -22.05
N VAL A 251 -12.61 19.25 -23.01
CA VAL A 251 -11.43 19.96 -23.48
C VAL A 251 -11.85 20.87 -24.63
N ARG A 252 -12.59 20.30 -25.60
CA ARG A 252 -13.25 21.07 -26.66
C ARG A 252 -14.75 21.12 -26.44
N GLY A 253 -15.42 21.96 -27.23
CA GLY A 253 -16.87 22.14 -27.17
C GLY A 253 -17.37 22.72 -25.86
N ASP A 254 -18.67 22.54 -25.60
CA ASP A 254 -19.28 22.94 -24.32
C ASP A 254 -20.10 21.78 -23.76
N ILE A 255 -19.52 21.07 -22.78
CA ILE A 255 -20.17 19.93 -22.11
C ILE A 255 -21.52 20.28 -21.42
N ARG A 256 -21.69 21.53 -21.02
CA ARG A 256 -22.96 22.00 -20.45
C ARG A 256 -24.15 21.95 -21.42
N GLN A 257 -23.89 22.17 -22.71
N GLN A 257 -23.87 22.17 -22.70
CA GLN A 257 -24.95 22.24 -23.72
CA GLN A 257 -24.90 22.24 -23.75
C GLN A 257 -25.26 20.89 -24.39
C GLN A 257 -25.29 20.89 -24.36
N HIS A 258 -24.69 19.79 -23.87
CA HIS A 258 -25.00 18.43 -24.38
C HIS A 258 -26.44 18.05 -24.04
N PRO A 259 -27.21 17.51 -25.01
CA PRO A 259 -28.64 17.24 -24.82
C PRO A 259 -29.05 16.49 -23.55
N LEU A 260 -28.18 15.63 -23.02
CA LEU A 260 -28.43 14.95 -21.74
C LEU A 260 -28.84 15.94 -20.65
N PHE A 261 -28.18 17.11 -20.60
CA PHE A 261 -28.46 18.14 -19.59
C PHE A 261 -29.51 19.19 -20.03
N ARG A 262 -30.34 18.86 -21.02
CA ARG A 262 -31.46 19.74 -21.50
C ARG A 262 -32.23 20.45 -20.39
N GLU A 263 -32.60 19.70 -19.36
CA GLU A 263 -33.49 20.19 -18.29
C GLU A 263 -32.75 20.90 -17.14
N ILE A 264 -31.44 21.13 -17.29
CA ILE A 264 -30.62 21.70 -16.23
C ILE A 264 -30.33 23.17 -16.53
N ASN A 265 -30.79 24.03 -15.62
CA ASN A 265 -30.36 25.42 -15.52
C ASN A 265 -29.11 25.41 -14.63
N TRP A 266 -27.98 25.79 -15.21
CA TRP A 266 -26.68 25.68 -14.54
C TRP A 266 -26.45 26.74 -13.47
N GLU A 267 -27.06 27.91 -13.62
CA GLU A 267 -27.06 28.91 -12.54
C GLU A 267 -27.84 28.39 -11.32
N GLU A 268 -29.01 27.80 -11.57
CA GLU A 268 -29.83 27.24 -10.50
C GLU A 268 -29.14 26.08 -9.80
N LEU A 269 -28.61 25.14 -10.59
CA LEU A 269 -27.81 24.02 -10.08
C LEU A 269 -26.69 24.52 -9.18
N GLU A 270 -25.93 25.48 -9.69
CA GLU A 270 -24.81 26.06 -8.93
C GLU A 270 -25.24 26.76 -7.63
N ARG A 271 -26.44 27.34 -7.63
CA ARG A 271 -27.04 27.96 -6.42
C ARG A 271 -27.76 26.96 -5.48
N LYS A 272 -27.66 25.65 -5.76
CA LYS A 272 -28.33 24.59 -4.97
C LYS A 272 -29.87 24.72 -4.93
N GLU A 273 -30.46 25.18 -6.04
CA GLU A 273 -31.90 25.43 -6.14
C GLU A 273 -32.66 24.33 -6.88
N ILE A 274 -31.94 23.27 -7.26
CA ILE A 274 -32.52 22.08 -7.87
C ILE A 274 -32.44 20.97 -6.84
N ASP A 275 -33.60 20.53 -6.34
CA ASP A 275 -33.68 19.46 -5.33
C ASP A 275 -33.07 18.17 -5.91
N PRO A 276 -32.11 17.54 -5.19
CA PRO A 276 -31.54 16.27 -5.66
C PRO A 276 -32.58 15.15 -5.83
N PRO A 277 -32.52 14.38 -6.94
CA PRO A 277 -33.44 13.25 -7.12
C PRO A 277 -33.35 12.15 -6.06
N PHE A 278 -32.19 11.99 -5.43
CA PHE A 278 -32.01 11.10 -4.27
C PHE A 278 -31.68 11.97 -3.04
N ARG A 279 -32.44 11.79 -1.96
CA ARG A 279 -32.14 12.43 -0.68
C ARG A 279 -31.78 11.36 0.34
N PRO A 280 -30.52 11.36 0.85
CA PRO A 280 -30.12 10.30 1.79
C PRO A 280 -30.83 10.37 3.14
N LYS A 281 -31.02 9.21 3.78
CA LYS A 281 -31.65 9.11 5.10
C LYS A 281 -30.71 9.67 6.16
N VAL A 282 -31.10 10.76 6.80
CA VAL A 282 -30.28 11.45 7.80
C VAL A 282 -31.19 11.97 8.91
N LYS A 283 -31.16 11.30 10.06
CA LYS A 283 -32.00 11.68 11.20
C LYS A 283 -31.54 12.97 11.93
N SER A 284 -30.26 13.34 11.77
CA SER A 284 -29.66 14.46 12.50
C SER A 284 -28.36 14.95 11.84
N PRO A 285 -27.88 16.15 12.21
CA PRO A 285 -26.54 16.58 11.73
C PRO A 285 -25.36 15.72 12.22
N PHE A 286 -25.54 15.04 13.36
CA PHE A 286 -24.53 14.10 13.90
C PHE A 286 -24.82 12.62 13.56
N ASP A 287 -25.68 12.37 12.57
CA ASP A 287 -26.05 11.00 12.18
C ASP A 287 -24.90 10.30 11.47
N CYS A 288 -24.76 8.99 11.73
CA CYS A 288 -23.70 8.14 11.16
C CYS A 288 -24.21 6.99 10.28
N SER A 289 -25.52 6.94 10.03
CA SER A 289 -26.18 5.82 9.34
C SER A 289 -25.57 5.38 8.01
N ASN A 290 -24.99 6.33 7.28
CA ASN A 290 -24.46 6.07 5.94
C ASN A 290 -22.96 5.70 5.87
N PHE A 291 -22.41 5.21 6.97
CA PHE A 291 -21.00 4.76 7.03
C PHE A 291 -20.92 3.28 7.43
N ASP A 292 -19.82 2.63 7.02
CA ASP A 292 -19.60 1.21 7.29
C ASP A 292 -19.29 0.94 8.76
N LYS A 293 -19.85 -0.14 9.29
CA LYS A 293 -19.83 -0.43 10.74
C LYS A 293 -18.49 -0.96 11.25
N GLU A 294 -17.64 -1.48 10.36
CA GLU A 294 -16.27 -1.87 10.72
C GLU A 294 -15.51 -0.70 11.35
N PHE A 295 -15.67 0.48 10.75
CA PHE A 295 -15.07 1.71 11.25
C PHE A 295 -15.81 2.24 12.49
N LEU A 296 -17.14 2.28 12.42
CA LEU A 296 -17.97 2.85 13.49
C LEU A 296 -17.89 2.09 14.82
N ASN A 297 -17.78 0.76 14.76
CA ASN A 297 -17.58 -0.08 15.94
C ASN A 297 -16.18 0.09 16.55
N GLU A 298 -15.17 0.21 15.69
CA GLU A 298 -13.79 0.45 16.12
C GLU A 298 -13.68 1.85 16.72
N LYS A 299 -13.41 1.91 18.03
CA LYS A 299 -13.37 3.17 18.77
C LYS A 299 -12.25 4.09 18.28
N PRO A 300 -12.46 5.42 18.40
CA PRO A 300 -11.47 6.37 17.90
C PRO A 300 -10.16 6.32 18.68
N ARG A 301 -9.05 6.32 17.95
CA ARG A 301 -7.72 6.15 18.54
C ARG A 301 -6.67 6.68 17.59
N LEU A 302 -5.70 7.43 18.13
CA LEU A 302 -4.55 7.90 17.38
C LEU A 302 -3.42 6.91 17.56
N SEP A 303 -2.81 6.50 16.44
CA SEP A 303 -1.70 5.56 16.47
CB SEP A 303 -1.43 4.99 15.08
OG SEP A 303 -2.55 4.26 14.61
C SEP A 303 -0.42 6.21 16.99
O SEP A 303 -0.23 7.42 16.85
P SEP A 303 -2.14 2.81 14.02
O1P SEP A 303 -3.43 2.14 13.33
O2P SEP A 303 -1.58 1.87 15.20
O3P SEP A 303 -0.99 3.05 12.92
N PHE A 304 0.45 5.38 17.57
CA PHE A 304 1.83 5.77 17.84
C PHE A 304 2.57 6.00 16.52
N ALA A 305 3.78 6.54 16.62
CA ALA A 305 4.61 6.80 15.45
C ALA A 305 6.04 6.35 15.65
N ASP A 306 6.74 6.14 14.53
CA ASP A 306 8.14 5.77 14.51
C ASP A 306 8.96 6.92 15.10
N ARG A 307 9.20 6.86 16.41
CA ARG A 307 9.90 7.92 17.15
C ARG A 307 11.31 8.21 16.62
N ALA A 308 11.96 7.18 16.07
CA ALA A 308 13.28 7.34 15.43
C ALA A 308 13.16 8.15 14.15
N LEU A 309 12.18 7.79 13.32
CA LEU A 309 11.96 8.46 12.04
C LEU A 309 11.50 9.91 12.20
N ILE A 310 10.77 10.20 13.27
CA ILE A 310 10.28 11.56 13.56
C ILE A 310 11.37 12.49 14.08
N ASN A 311 12.16 12.01 15.04
CA ASN A 311 13.28 12.80 15.58
C ASN A 311 14.36 13.04 14.52
N SER A 312 14.62 12.04 13.69
CA SER A 312 15.54 12.15 12.56
C SER A 312 14.98 12.95 11.38
N MET A 313 13.65 13.12 11.34
CA MET A 313 12.96 13.83 10.25
C MET A 313 13.39 15.28 10.11
N ASP A 314 13.32 15.79 8.89
CA ASP A 314 13.51 17.22 8.64
C ASP A 314 12.30 17.93 9.23
N GLN A 315 12.52 18.62 10.34
CA GLN A 315 11.45 19.17 11.19
C GLN A 315 10.50 20.15 10.49
N ASN A 316 10.99 20.84 9.46
CA ASN A 316 10.21 21.85 8.70
C ASN A 316 9.70 21.35 7.35
N MET A 317 9.48 20.05 7.22
CA MET A 317 8.89 19.49 5.98
C MET A 317 7.48 19.99 5.72
N PHE A 318 6.70 20.18 6.79
CA PHE A 318 5.31 20.59 6.70
C PHE A 318 5.15 22.06 7.13
N ARG A 319 6.08 22.90 6.69
CA ARG A 319 6.02 24.33 6.94
C ARG A 319 4.93 24.93 6.05
N ASN A 320 4.22 25.93 6.60
CA ASN A 320 3.05 26.55 5.98
C ASN A 320 1.82 25.63 5.86
N PHE A 321 1.78 24.58 6.70
CA PHE A 321 0.65 23.65 6.73
C PHE A 321 -0.55 24.27 7.45
N SEP A 322 -0.29 24.97 8.55
CA SEP A 322 -1.36 25.49 9.38
CB SEP A 322 -0.82 25.99 10.72
OG SEP A 322 -0.42 24.88 11.51
C SEP A 322 -2.13 26.60 8.67
O SEP A 322 -1.53 27.60 8.26
P SEP A 322 0.89 25.19 12.36
O1P SEP A 322 0.69 26.58 13.14
O2P SEP A 322 2.14 25.31 11.35
O3P SEP A 322 1.13 23.99 13.41
N PHE A 323 -3.43 26.41 8.52
CA PHE A 323 -4.33 27.38 7.91
C PHE A 323 -5.55 27.52 8.80
N MET A 324 -6.17 28.69 8.75
CA MET A 324 -7.23 29.04 9.69
C MET A 324 -8.18 30.06 9.06
N ASN A 325 -9.41 29.63 8.73
CA ASN A 325 -10.42 30.55 8.19
C ASN A 325 -11.01 31.40 9.33
N PRO A 326 -11.57 32.59 9.01
CA PRO A 326 -12.03 33.48 10.09
C PRO A 326 -13.24 32.96 10.88
N GLY A 327 -14.07 32.14 10.24
CA GLY A 327 -15.25 31.54 10.89
C GLY A 327 -14.90 30.64 12.07
N MET A 328 -13.94 29.73 11.84
CA MET A 328 -13.41 28.85 12.89
C MET A 328 -12.73 29.63 14.03
N GLU A 329 -12.15 30.79 13.70
CA GLU A 329 -11.47 31.65 14.68
C GLU A 329 -12.39 32.19 15.76
N ARG A 330 -13.61 32.58 15.35
CA ARG A 330 -14.64 33.01 16.30
C ARG A 330 -15.13 31.85 17.19
N LEU A 331 -15.31 30.68 16.57
CA LEU A 331 -15.75 29.47 17.31
C LEU A 331 -14.78 29.07 18.42
N ILE A 332 -13.47 29.14 18.12
CA ILE A 332 -12.43 28.77 19.08
C ILE A 332 -12.30 29.73 20.26
N SER A 333 -12.37 31.03 19.98
CA SER A 333 -12.13 32.08 21.01
C SER A 333 -13.20 32.20 22.11
N HIS A 334 -14.39 31.63 21.88
CA HIS A 334 -15.45 31.60 22.91
C HIS A 334 -15.08 30.66 24.08
N LEU B 2 26.47 7.02 -7.00
CA LEU B 2 25.85 7.00 -5.62
C LEU B 2 26.82 6.49 -4.56
N LYS B 3 27.48 7.41 -3.86
CA LYS B 3 28.42 7.08 -2.77
C LYS B 3 27.70 7.11 -1.42
N ILE B 4 28.33 6.50 -0.41
CA ILE B 4 27.79 6.47 0.97
C ILE B 4 27.75 7.86 1.64
N GLU B 5 28.61 8.76 1.19
CA GLU B 5 28.66 10.14 1.71
C GLU B 5 27.36 10.93 1.46
N ASP B 6 26.63 10.55 0.41
CA ASP B 6 25.31 11.14 0.12
C ASP B 6 24.31 10.88 1.26
N PHE B 7 24.38 9.69 1.85
CA PHE B 7 23.46 9.28 2.91
C PHE B 7 23.94 9.76 4.28
N GLU B 8 22.98 10.15 5.14
CA GLU B 8 23.25 10.46 6.54
C GLU B 8 22.72 9.31 7.38
N LEU B 9 23.59 8.68 8.17
CA LEU B 9 23.24 7.50 8.96
C LEU B 9 22.68 7.95 10.32
N HIS B 10 21.35 7.95 10.43
CA HIS B 10 20.65 8.54 11.59
C HIS B 10 20.57 7.63 12.81
N LYS B 11 20.24 6.36 12.60
CA LYS B 11 20.13 5.38 13.69
C LYS B 11 20.53 4.00 13.19
N MET B 12 21.07 3.18 14.10
CA MET B 12 21.39 1.78 13.78
C MET B 12 20.17 0.91 14.09
N LEU B 13 19.73 0.15 13.10
CA LEU B 13 18.53 -0.70 13.21
C LEU B 13 18.84 -2.14 13.62
N GLY B 14 20.13 -2.51 13.60
CA GLY B 14 20.53 -3.87 13.93
C GLY B 14 22.02 -4.12 13.72
N LYS B 15 22.53 -5.13 14.42
CA LYS B 15 23.96 -5.48 14.38
C LYS B 15 24.11 -7.00 14.37
N GLY B 16 25.21 -7.48 13.79
CA GLY B 16 25.53 -8.90 13.77
C GLY B 16 26.97 -9.17 13.36
N SER B 17 27.32 -10.45 13.29
CA SER B 17 28.64 -10.87 12.82
C SER B 17 28.87 -10.47 11.35
N PHE B 18 27.78 -10.44 10.56
CA PHE B 18 27.80 -9.91 9.19
C PHE B 18 28.16 -8.40 9.12
N GLY B 19 27.56 -7.60 9.99
CA GLY B 19 27.70 -6.14 9.96
C GLY B 19 26.50 -5.45 10.58
N LYS B 20 26.18 -4.25 10.06
CA LYS B 20 25.13 -3.39 10.62
C LYS B 20 24.05 -3.02 9.60
N VAL B 21 22.86 -2.69 10.10
CA VAL B 21 21.79 -2.10 9.29
C VAL B 21 21.52 -0.68 9.78
N PHE B 22 21.45 0.26 8.84
CA PHE B 22 21.36 1.70 9.15
C PHE B 22 20.07 2.34 8.63
N LEU B 23 19.44 3.16 9.47
CA LEU B 23 18.32 4.01 9.06
C LEU B 23 18.90 5.26 8.40
N ALA B 24 19.04 5.22 7.07
CA ALA B 24 19.76 6.24 6.31
C ALA B 24 18.82 7.18 5.56
N GLU B 25 19.10 8.49 5.66
CA GLU B 25 18.43 9.53 4.89
C GLU B 25 19.33 9.97 3.74
N PHE B 26 18.80 10.03 2.52
CA PHE B 26 19.51 10.59 1.37
C PHE B 26 19.61 12.11 1.52
N LYS B 27 20.68 12.70 0.97
CA LYS B 27 21.01 14.12 1.20
C LYS B 27 19.88 15.12 0.90
N LYS B 28 19.68 15.43 -0.37
CA LYS B 28 18.80 16.54 -0.78
C LYS B 28 17.30 16.18 -0.77
N THR B 29 16.98 14.90 -0.97
CA THR B 29 15.58 14.46 -1.12
C THR B 29 14.79 14.40 0.20
N ASN B 30 15.49 14.41 1.34
CA ASN B 30 14.87 14.24 2.67
C ASN B 30 14.08 12.91 2.78
N GLN B 31 14.63 11.87 2.15
CA GLN B 31 13.94 10.59 1.94
C GLN B 31 14.74 9.46 2.59
N PHE B 32 14.03 8.56 3.29
CA PHE B 32 14.65 7.61 4.23
C PHE B 32 14.65 6.17 3.71
N PHE B 33 15.72 5.45 4.05
CA PHE B 33 15.98 4.07 3.59
C PHE B 33 16.54 3.20 4.70
N ALA B 34 16.72 1.92 4.39
CA ALA B 34 17.48 0.98 5.23
C ALA B 34 18.75 0.60 4.45
N ILE B 35 19.92 0.78 5.06
CA ILE B 35 21.19 0.36 4.44
C ILE B 35 21.83 -0.79 5.21
N LYS B 36 22.00 -1.94 4.57
CA LYS B 36 22.80 -3.05 5.11
C LYS B 36 24.28 -2.83 4.76
N ALA B 37 25.11 -2.54 5.77
CA ALA B 37 26.55 -2.36 5.60
C ALA B 37 27.30 -3.63 6.00
N LEU B 38 28.01 -4.23 5.04
CA LEU B 38 28.83 -5.42 5.28
C LEU B 38 30.31 -5.11 5.15
N LYS B 39 31.10 -5.57 6.13
CA LYS B 39 32.56 -5.43 6.08
C LYS B 39 33.13 -6.49 5.13
N LYS B 40 33.96 -6.05 4.18
CA LYS B 40 34.60 -6.95 3.21
C LYS B 40 35.58 -7.93 3.86
N ASP B 41 36.27 -7.48 4.91
CA ASP B 41 37.21 -8.31 5.67
C ASP B 41 36.55 -9.56 6.29
N VAL B 42 35.33 -9.38 6.79
CA VAL B 42 34.56 -10.47 7.40
C VAL B 42 33.98 -11.42 6.34
N VAL B 43 33.56 -10.88 5.20
CA VAL B 43 33.02 -11.68 4.09
C VAL B 43 34.06 -12.66 3.54
N LEU B 44 35.27 -12.16 3.31
CA LEU B 44 36.39 -12.98 2.81
C LEU B 44 36.89 -14.01 3.84
N MET B 45 36.82 -13.66 5.13
CA MET B 45 37.17 -14.57 6.23
C MET B 45 36.27 -15.80 6.26
N ASP B 46 34.96 -15.57 6.27
CA ASP B 46 33.96 -16.65 6.24
C ASP B 46 33.88 -17.38 4.90
N ASP B 47 34.39 -16.77 3.83
CA ASP B 47 34.33 -17.29 2.46
C ASP B 47 32.89 -17.33 1.92
N ASP B 48 32.10 -16.32 2.31
CA ASP B 48 30.75 -16.10 1.79
C ASP B 48 30.80 -14.91 0.82
N VAL B 49 31.64 -15.05 -0.21
CA VAL B 49 31.78 -14.04 -1.25
C VAL B 49 30.67 -14.19 -2.28
N GLU B 50 30.49 -15.42 -2.74
CA GLU B 50 29.42 -15.75 -3.70
C GLU B 50 28.03 -15.41 -3.17
N CYS B 51 27.80 -15.73 -1.89
CA CYS B 51 26.55 -15.40 -1.19
C CYS B 51 26.15 -13.92 -1.31
N THR B 52 27.13 -13.04 -1.08
CA THR B 52 26.96 -11.59 -1.22
C THR B 52 26.56 -11.20 -2.65
N MET B 53 27.22 -11.81 -3.63
CA MET B 53 26.91 -11.57 -5.04
C MET B 53 25.53 -12.13 -5.40
N VAL B 54 25.21 -13.32 -4.88
CA VAL B 54 23.88 -13.93 -5.04
C VAL B 54 22.79 -13.05 -4.43
N GLU B 55 23.08 -12.42 -3.28
CA GLU B 55 22.11 -11.51 -2.65
C GLU B 55 21.76 -10.34 -3.59
N LYS B 56 22.77 -9.74 -4.21
CA LYS B 56 22.57 -8.63 -5.16
C LYS B 56 21.73 -9.02 -6.37
N ARG B 57 22.06 -10.17 -6.97
CA ARG B 57 21.36 -10.67 -8.17
C ARG B 57 19.90 -11.07 -7.90
N VAL B 58 19.66 -11.70 -6.74
CA VAL B 58 18.31 -12.07 -6.34
C VAL B 58 17.51 -10.82 -5.94
N LEU B 59 18.16 -9.88 -5.23
CA LEU B 59 17.54 -8.58 -4.92
C LEU B 59 17.21 -7.74 -6.15
N SER B 60 18.03 -7.88 -7.19
CA SER B 60 17.74 -7.25 -8.50
C SER B 60 16.48 -7.83 -9.18
N LEU B 61 16.07 -9.03 -8.80
CA LEU B 61 14.78 -9.62 -9.21
C LEU B 61 13.64 -9.29 -8.24
N ALA B 62 13.96 -9.02 -6.98
CA ALA B 62 12.98 -8.85 -5.90
C ALA B 62 11.96 -7.73 -6.07
N TRP B 63 12.36 -6.64 -6.72
CA TRP B 63 11.52 -5.44 -6.86
C TRP B 63 10.14 -5.68 -7.49
N GLU B 64 10.07 -6.64 -8.43
CA GLU B 64 8.81 -7.00 -9.11
C GLU B 64 7.72 -7.53 -8.17
N HIS B 65 8.13 -8.20 -7.07
CA HIS B 65 7.20 -8.85 -6.14
C HIS B 65 7.00 -8.05 -4.84
N PRO B 66 5.74 -7.89 -4.39
CA PRO B 66 5.46 -7.05 -3.22
C PRO B 66 5.94 -7.60 -1.87
N PHE B 67 5.82 -8.92 -1.68
CA PHE B 67 6.20 -9.56 -0.42
C PHE B 67 7.67 -9.99 -0.30
N LEU B 68 8.55 -9.42 -1.14
CA LEU B 68 10.00 -9.48 -0.95
C LEU B 68 10.55 -8.08 -0.67
N THR B 69 11.71 -8.00 -0.01
CA THR B 69 12.35 -6.72 0.29
C THR B 69 12.90 -6.06 -0.97
N HIS B 70 12.38 -4.87 -1.28
CA HIS B 70 12.78 -4.14 -2.49
C HIS B 70 14.10 -3.42 -2.28
N MET B 71 15.12 -3.84 -3.02
CA MET B 71 16.41 -3.18 -3.06
C MET B 71 16.36 -2.06 -4.09
N PHE B 72 16.92 -0.90 -3.74
CA PHE B 72 16.93 0.27 -4.63
C PHE B 72 18.23 0.36 -5.44
N CYS B 73 19.36 0.20 -4.75
CA CYS B 73 20.67 0.17 -5.40
C CYS B 73 21.73 -0.51 -4.53
N THR B 74 22.87 -0.81 -5.16
CA THR B 74 24.05 -1.33 -4.46
C THR B 74 25.31 -0.61 -4.91
N PHE B 75 26.27 -0.51 -4.00
CA PHE B 75 27.61 0.00 -4.32
C PHE B 75 28.61 -0.45 -3.25
N GLN B 76 29.89 -0.30 -3.57
CA GLN B 76 30.99 -0.75 -2.69
C GLN B 76 32.03 0.34 -2.43
N THR B 77 32.74 0.17 -1.33
CA THR B 77 33.94 0.96 -1.01
C THR B 77 35.11 -0.01 -0.87
N LYS B 78 36.30 0.54 -0.65
CA LYS B 78 37.51 -0.26 -0.40
C LYS B 78 37.48 -1.05 0.92
N GLU B 79 36.54 -0.73 1.82
CA GLU B 79 36.33 -1.48 3.07
C GLU B 79 34.94 -2.14 3.18
N ASN B 80 33.88 -1.42 2.80
CA ASN B 80 32.49 -1.89 3.01
C ASN B 80 31.73 -2.26 1.75
N LEU B 81 30.60 -2.93 1.94
CA LEU B 81 29.63 -3.25 0.88
C LEU B 81 28.22 -2.84 1.33
N PHE B 82 27.54 -2.04 0.53
CA PHE B 82 26.27 -1.40 0.91
C PHE B 82 25.11 -1.83 0.01
N PHE B 83 24.03 -2.32 0.64
CA PHE B 83 22.75 -2.52 -0.02
C PHE B 83 21.80 -1.44 0.47
N VAL B 84 21.24 -0.66 -0.46
CA VAL B 84 20.24 0.37 -0.14
C VAL B 84 18.85 -0.24 -0.34
N MET B 85 18.12 -0.37 0.76
CA MET B 85 16.85 -1.10 0.84
C MET B 85 15.73 -0.18 1.31
N GLU B 86 14.50 -0.51 0.94
CA GLU B 86 13.31 0.18 1.49
C GLU B 86 13.25 -0.03 3.01
N TYR B 87 12.83 0.99 3.74
CA TYR B 87 12.78 0.94 5.20
C TYR B 87 11.50 0.27 5.70
N LEU B 88 11.65 -0.86 6.39
CA LEU B 88 10.52 -1.65 6.91
C LEU B 88 10.58 -1.70 8.44
N ASN B 89 9.64 -1.02 9.11
CA ASN B 89 9.69 -0.81 10.56
C ASN B 89 8.64 -1.58 11.38
N GLY B 90 7.97 -2.55 10.76
CA GLY B 90 6.98 -3.37 11.45
C GLY B 90 7.55 -4.35 12.47
N GLY B 91 8.83 -4.67 12.33
CA GLY B 91 9.49 -5.71 13.15
C GLY B 91 9.44 -7.03 12.42
N ASP B 92 10.43 -7.89 12.69
CA ASP B 92 10.42 -9.26 12.14
C ASP B 92 9.48 -10.15 12.95
N LEU B 93 9.16 -11.32 12.40
CA LEU B 93 8.19 -12.22 13.04
C LEU B 93 8.71 -12.95 14.29
N MET B 94 10.02 -12.96 14.51
CA MET B 94 10.59 -13.49 15.75
C MET B 94 10.30 -12.55 16.93
N TYR B 95 10.50 -11.26 16.71
CA TYR B 95 10.09 -10.23 17.68
C TYR B 95 8.61 -10.32 18.04
N HIS B 96 7.77 -10.61 17.06
CA HIS B 96 6.32 -10.71 17.25
C HIS B 96 5.88 -12.02 17.91
N ILE B 97 6.50 -13.13 17.53
CA ILE B 97 6.18 -14.43 18.15
C ILE B 97 6.61 -14.45 19.63
N GLN B 98 7.76 -13.85 19.92
CA GLN B 98 8.23 -13.67 21.30
C GLN B 98 7.38 -12.69 22.10
N SER B 99 6.72 -11.75 21.42
CA SER B 99 5.81 -10.80 22.08
C SER B 99 4.55 -11.47 22.63
N CYS B 100 3.95 -12.36 21.83
CA CYS B 100 2.65 -12.97 22.14
C CYS B 100 2.59 -14.52 22.00
N HIS B 101 3.73 -15.18 22.19
N HIS B 101 3.75 -15.17 22.13
CA HIS B 101 3.84 -16.66 22.19
CA HIS B 101 3.86 -16.63 22.18
C HIS B 101 3.49 -17.36 20.87
C HIS B 101 3.48 -17.37 20.88
N LYS B 102 2.22 -17.25 20.46
CA LYS B 102 1.75 -17.84 19.19
C LYS B 102 0.76 -16.92 18.50
N PHE B 103 0.73 -16.96 17.17
CA PHE B 103 -0.24 -16.22 16.37
C PHE B 103 -1.54 -17.00 16.28
N ASP B 104 -2.67 -16.29 16.18
CA ASP B 104 -3.98 -16.93 15.99
C ASP B 104 -4.13 -17.51 14.57
N LEU B 105 -5.22 -18.25 14.34
CA LEU B 105 -5.44 -18.97 13.08
C LEU B 105 -5.46 -18.05 11.86
N SER B 106 -6.19 -16.95 11.99
CA SER B 106 -6.31 -15.96 10.91
C SER B 106 -4.96 -15.33 10.58
N ARG B 107 -4.26 -14.90 11.64
CA ARG B 107 -2.97 -14.24 11.50
C ARG B 107 -1.87 -15.15 10.95
N ALA B 108 -1.88 -16.42 11.35
CA ALA B 108 -0.92 -17.41 10.86
C ALA B 108 -1.18 -17.78 9.39
N THR B 109 -2.45 -18.00 9.07
CA THR B 109 -2.89 -18.30 7.70
C THR B 109 -2.52 -17.17 6.72
N PHE B 110 -2.70 -15.93 7.17
CA PHE B 110 -2.41 -14.75 6.35
C PHE B 110 -0.91 -14.68 6.05
N TYR B 111 -0.09 -14.86 7.08
CA TYR B 111 1.37 -14.91 6.90
C TYR B 111 1.82 -16.14 6.11
N ALA B 112 1.19 -17.28 6.36
CA ALA B 112 1.45 -18.49 5.59
C ALA B 112 1.21 -18.26 4.10
N ALA B 113 0.06 -17.66 3.78
CA ALA B 113 -0.36 -17.41 2.39
C ALA B 113 0.56 -16.44 1.65
N GLU B 114 0.89 -15.31 2.29
CA GLU B 114 1.78 -14.32 1.67
C GLU B 114 3.19 -14.86 1.44
N ILE B 115 3.70 -15.64 2.39
CA ILE B 115 4.98 -16.32 2.22
C ILE B 115 4.95 -17.33 1.05
N ILE B 116 3.82 -18.03 0.89
CA ILE B 116 3.66 -18.97 -0.24
C ILE B 116 3.88 -18.24 -1.57
N LEU B 117 3.16 -17.14 -1.74
CA LEU B 117 3.30 -16.27 -2.92
C LEU B 117 4.73 -15.76 -3.12
N GLY B 118 5.41 -15.41 -2.02
CA GLY B 118 6.80 -14.97 -2.05
C GLY B 118 7.77 -16.06 -2.50
N LEU B 119 7.61 -17.26 -1.94
CA LEU B 119 8.46 -18.40 -2.27
C LEU B 119 8.20 -18.90 -3.69
N GLN B 120 6.92 -19.02 -4.06
CA GLN B 120 6.53 -19.45 -5.41
C GLN B 120 7.03 -18.52 -6.50
N PHE B 121 7.08 -17.21 -6.21
CA PHE B 121 7.69 -16.23 -7.12
C PHE B 121 9.17 -16.51 -7.34
N LEU B 122 9.90 -16.79 -6.25
CA LEU B 122 11.33 -17.10 -6.34
C LEU B 122 11.58 -18.42 -7.09
N HIS B 123 10.74 -19.42 -6.83
CA HIS B 123 10.87 -20.75 -7.44
C HIS B 123 10.68 -20.74 -8.97
N SER B 124 9.73 -19.95 -9.45
CA SER B 124 9.52 -19.75 -10.90
C SER B 124 10.68 -19.01 -11.55
N LYS B 125 11.31 -18.10 -10.81
CA LYS B 125 12.54 -17.43 -11.27
C LYS B 125 13.80 -18.32 -11.23
N GLY B 126 13.68 -19.54 -10.72
CA GLY B 126 14.80 -20.48 -10.63
C GLY B 126 15.65 -20.25 -9.38
N ILE B 127 15.05 -19.72 -8.33
CA ILE B 127 15.77 -19.36 -7.10
C ILE B 127 15.15 -20.12 -5.92
N VAL B 128 15.98 -20.91 -5.24
CA VAL B 128 15.60 -21.54 -3.96
C VAL B 128 16.19 -20.68 -2.84
N TYR B 129 15.36 -20.36 -1.85
CA TYR B 129 15.70 -19.40 -0.79
C TYR B 129 16.65 -20.01 0.26
N ARG B 130 16.26 -21.17 0.78
CA ARG B 130 17.11 -22.03 1.66
C ARG B 130 17.40 -21.56 3.09
N ASP B 131 16.93 -20.37 3.49
CA ASP B 131 17.16 -19.86 4.86
C ASP B 131 15.87 -19.28 5.45
N LEU B 132 14.76 -19.97 5.23
CA LEU B 132 13.47 -19.51 5.72
C LEU B 132 13.39 -19.66 7.24
N LYS B 133 13.11 -18.55 7.92
CA LYS B 133 12.94 -18.52 9.37
C LYS B 133 12.24 -17.24 9.82
N LEU B 134 11.66 -17.27 11.02
CA LEU B 134 10.85 -16.16 11.53
C LEU B 134 11.59 -14.82 11.52
N ASP B 135 12.84 -14.82 11.97
CA ASP B 135 13.63 -13.58 12.01
C ASP B 135 14.10 -13.07 10.63
N ASN B 136 13.93 -13.87 9.56
CA ASN B 136 14.13 -13.40 8.18
C ASN B 136 12.86 -12.82 7.53
N ILE B 137 11.69 -13.11 8.10
CA ILE B 137 10.44 -12.49 7.67
C ILE B 137 10.28 -11.16 8.39
N LEU B 138 10.30 -10.06 7.61
CA LEU B 138 9.98 -8.72 8.12
C LEU B 138 8.51 -8.42 7.89
N LEU B 139 8.00 -7.40 8.57
CA LEU B 139 6.68 -6.84 8.29
C LEU B 139 6.82 -5.38 7.91
N ASP B 140 6.01 -4.91 6.95
CA ASP B 140 5.94 -3.49 6.63
C ASP B 140 5.00 -2.75 7.62
N LYS B 141 4.82 -1.45 7.44
CA LYS B 141 4.03 -0.64 8.39
C LYS B 141 2.55 -1.01 8.43
N ASP B 142 2.02 -1.48 7.30
CA ASP B 142 0.65 -1.99 7.23
C ASP B 142 0.50 -3.37 7.88
N GLY B 143 1.58 -4.18 7.84
CA GLY B 143 1.60 -5.50 8.42
C GLY B 143 1.66 -6.65 7.43
N HIS B 144 2.00 -6.37 6.18
CA HIS B 144 2.29 -7.40 5.18
C HIS B 144 3.71 -7.91 5.33
N ILE B 145 3.93 -9.17 5.01
CA ILE B 145 5.25 -9.80 5.19
C ILE B 145 6.23 -9.35 4.12
N LYS B 146 7.51 -9.34 4.49
CA LYS B 146 8.61 -9.01 3.58
C LYS B 146 9.77 -9.98 3.83
N ILE B 147 10.01 -10.86 2.87
CA ILE B 147 11.09 -11.86 2.99
C ILE B 147 12.43 -11.16 2.70
N ALA B 148 13.37 -11.29 3.65
CA ALA B 148 14.67 -10.62 3.60
C ALA B 148 15.81 -11.63 3.71
N ASP B 149 17.04 -11.15 3.52
CA ASP B 149 18.27 -11.95 3.60
C ASP B 149 18.32 -13.08 2.56
N PHE B 150 18.56 -12.69 1.31
CA PHE B 150 18.67 -13.64 0.18
C PHE B 150 20.12 -14.11 -0.09
N GLY B 151 21.02 -13.90 0.87
CA GLY B 151 22.42 -14.32 0.75
C GLY B 151 22.63 -15.81 0.59
N MET B 152 21.73 -16.62 1.15
CA MET B 152 21.85 -18.07 1.11
C MET B 152 21.10 -18.72 -0.07
N CYS B 153 20.72 -17.94 -1.08
CA CYS B 153 19.98 -18.48 -2.24
C CYS B 153 20.87 -19.31 -3.18
N LYS B 154 20.23 -20.10 -4.04
CA LYS B 154 20.89 -20.79 -5.15
C LYS B 154 20.10 -20.53 -6.43
N GLU B 155 20.76 -19.93 -7.42
CA GLU B 155 20.13 -19.53 -8.68
C GLU B 155 20.12 -20.67 -9.69
N ASN B 156 19.44 -20.43 -10.82
CA ASN B 156 19.38 -21.36 -11.95
C ASN B 156 18.81 -22.75 -11.59
N MET B 157 17.90 -22.77 -10.61
CA MET B 157 17.24 -23.99 -10.15
C MET B 157 15.89 -24.14 -10.87
N LEU B 158 15.95 -24.30 -12.19
CA LEU B 158 14.76 -24.41 -13.04
C LEU B 158 14.56 -25.85 -13.50
N GLY B 159 13.30 -26.26 -13.59
CA GLY B 159 12.90 -27.57 -14.13
C GLY B 159 13.48 -28.77 -13.39
N ASP B 160 14.31 -29.54 -14.08
CA ASP B 160 14.92 -30.77 -13.56
C ASP B 160 16.03 -30.52 -12.52
N ALA B 161 16.61 -29.31 -12.53
CA ALA B 161 17.86 -29.01 -11.80
C ALA B 161 17.81 -29.27 -10.30
N LYS B 162 18.98 -29.60 -9.74
CA LYS B 162 19.16 -29.81 -8.29
C LYS B 162 20.51 -29.27 -7.82
N THR B 163 20.69 -29.23 -6.50
CA THR B 163 21.95 -28.75 -5.90
C THR B 163 22.27 -29.43 -4.57
N ASN B 164 23.51 -29.28 -4.12
CA ASN B 164 24.12 -30.18 -3.10
C ASN B 164 24.69 -29.53 -1.83
N GLU B 165 24.41 -28.25 -1.59
CA GLU B 165 25.05 -27.51 -0.49
C GLU B 165 24.37 -27.79 0.85
N PHE B 166 25.18 -28.12 1.86
CA PHE B 166 24.68 -28.21 3.25
C PHE B 166 24.60 -26.80 3.83
N CYS B 167 23.38 -26.30 4.02
CA CYS B 167 23.16 -24.94 4.53
C CYS B 167 21.73 -24.73 5.05
N GLY B 168 21.56 -23.67 5.83
CA GLY B 168 20.28 -23.31 6.45
C GLY B 168 20.43 -22.98 7.93
N THR B 169 19.29 -22.85 8.61
CA THR B 169 19.25 -22.61 10.05
C THR B 169 18.72 -23.88 10.75
N PRO B 170 19.51 -24.46 11.69
CA PRO B 170 19.28 -25.79 12.31
C PRO B 170 17.83 -26.25 12.49
N ASP B 171 17.00 -25.43 13.13
CA ASP B 171 15.59 -25.79 13.37
C ASP B 171 14.81 -26.05 12.07
N TYR B 172 15.18 -25.34 10.99
CA TYR B 172 14.43 -25.33 9.72
C TYR B 172 15.01 -26.21 8.60
N ILE B 173 16.14 -26.88 8.83
CA ILE B 173 16.83 -27.63 7.75
C ILE B 173 16.04 -28.89 7.36
N ALA B 174 15.94 -29.14 6.06
CA ALA B 174 15.19 -30.29 5.52
C ALA B 174 15.96 -31.60 5.76
N PRO B 175 15.24 -32.74 5.86
CA PRO B 175 15.92 -34.01 6.17
C PRO B 175 16.82 -34.55 5.06
N GLU B 176 16.43 -34.33 3.80
CA GLU B 176 17.27 -34.67 2.63
C GLU B 176 18.62 -33.94 2.63
N ILE B 177 18.64 -32.70 3.12
CA ILE B 177 19.89 -31.95 3.31
C ILE B 177 20.76 -32.62 4.38
N LEU B 178 20.14 -33.03 5.48
CA LEU B 178 20.85 -33.70 6.58
C LEU B 178 21.41 -35.07 6.18
N LEU B 179 20.74 -35.75 5.26
CA LEU B 179 21.22 -37.01 4.68
C LEU B 179 22.26 -36.83 3.54
N GLY B 180 22.66 -35.59 3.25
CA GLY B 180 23.69 -35.31 2.25
C GLY B 180 23.24 -35.55 0.82
N GLN B 181 21.94 -35.38 0.57
CA GLN B 181 21.35 -35.63 -0.74
C GLN B 181 21.31 -34.34 -1.56
N LYS B 182 21.22 -34.50 -2.88
CA LYS B 182 20.92 -33.40 -3.78
C LYS B 182 19.44 -33.02 -3.60
N TYR B 183 19.10 -31.77 -3.88
CA TYR B 183 17.75 -31.27 -3.64
C TYR B 183 17.35 -30.13 -4.56
N ASN B 184 16.06 -29.82 -4.56
CA ASN B 184 15.46 -28.72 -5.33
C ASN B 184 14.63 -27.83 -4.39
N HIS B 185 13.71 -27.02 -4.94
CA HIS B 185 12.82 -26.15 -4.14
C HIS B 185 12.06 -26.81 -2.98
N SER B 186 11.93 -28.15 -3.00
CA SER B 186 11.33 -28.91 -1.89
C SER B 186 11.81 -28.49 -0.49
N VAL B 187 13.12 -28.27 -0.34
CA VAL B 187 13.72 -27.90 0.94
C VAL B 187 13.11 -26.66 1.60
N ASP B 188 12.72 -25.68 0.78
CA ASP B 188 11.97 -24.50 1.26
C ASP B 188 10.61 -24.84 1.87
N TRP B 189 9.97 -25.88 1.35
CA TRP B 189 8.63 -26.29 1.81
C TRP B 189 8.63 -27.06 3.15
N TRP B 190 9.74 -27.72 3.48
CA TRP B 190 9.93 -28.26 4.84
C TRP B 190 10.14 -27.09 5.81
N SER B 191 11.00 -26.16 5.43
CA SER B 191 11.26 -24.96 6.23
C SER B 191 10.00 -24.11 6.43
N PHE B 192 9.17 -24.05 5.39
CA PHE B 192 7.86 -23.41 5.47
C PHE B 192 6.96 -24.09 6.51
N GLY B 193 6.99 -25.43 6.53
CA GLY B 193 6.27 -26.22 7.53
C GLY B 193 6.69 -25.91 8.97
N VAL B 194 8.01 -25.85 9.18
CA VAL B 194 8.57 -25.54 10.50
C VAL B 194 8.18 -24.13 10.92
N LEU B 195 8.23 -23.19 9.98
CA LEU B 195 7.82 -21.80 10.24
C LEU B 195 6.34 -21.75 10.60
N LEU B 196 5.51 -22.36 9.75
CA LEU B 196 4.07 -22.47 10.00
C LEU B 196 3.76 -23.12 11.36
N TYR B 197 4.49 -24.18 11.70
CA TYR B 197 4.34 -24.87 12.98
C TYR B 197 4.57 -23.90 14.13
N GLU B 198 5.72 -23.25 14.12
CA GLU B 198 6.10 -22.27 15.15
C GLU B 198 5.07 -21.16 15.35
N MET B 199 4.48 -20.68 14.24
CA MET B 199 3.46 -19.63 14.28
C MET B 199 2.19 -20.12 15.01
N LEU B 200 1.74 -21.32 14.69
CA LEU B 200 0.50 -21.86 15.26
C LEU B 200 0.67 -22.35 16.71
N ILE B 201 1.80 -23.00 17.01
CA ILE B 201 2.03 -23.67 18.30
C ILE B 201 2.87 -22.86 19.31
N GLY B 202 3.75 -22.00 18.79
CA GLY B 202 4.60 -21.15 19.63
C GLY B 202 5.91 -21.78 20.06
N GLN B 203 6.32 -22.84 19.38
CA GLN B 203 7.66 -23.40 19.52
C GLN B 203 7.99 -24.34 18.37
N SER B 204 9.22 -24.81 18.31
CA SER B 204 9.70 -25.65 17.21
C SER B 204 9.13 -27.08 17.26
N PRO B 205 8.96 -27.71 16.08
CA PRO B 205 8.49 -29.10 16.02
C PRO B 205 9.55 -30.12 16.43
N PHE B 206 10.81 -29.88 16.04
CA PHE B 206 11.93 -30.76 16.34
C PHE B 206 12.86 -30.11 17.35
N HIS B 207 13.42 -30.95 18.24
CA HIS B 207 14.13 -30.48 19.42
C HIS B 207 15.42 -31.24 19.66
N GLY B 208 16.34 -30.59 20.36
CA GLY B 208 17.60 -31.21 20.78
C GLY B 208 18.41 -30.29 21.68
N GLN B 209 19.21 -30.88 22.57
CA GLN B 209 20.16 -30.13 23.38
C GLN B 209 21.38 -29.67 22.58
N ASP B 210 21.76 -30.43 21.55
CA ASP B 210 22.83 -30.04 20.61
C ASP B 210 22.36 -30.19 19.16
N GLU B 211 23.26 -29.92 18.21
CA GLU B 211 22.94 -30.08 16.78
C GLU B 211 22.69 -31.53 16.37
N GLU B 212 23.50 -32.46 16.88
CA GLU B 212 23.36 -33.89 16.57
C GLU B 212 21.96 -34.41 16.92
N GLU B 213 21.51 -34.10 18.14
CA GLU B 213 20.18 -34.50 18.63
C GLU B 213 19.03 -33.84 17.87
N LEU B 214 19.24 -32.59 17.46
CA LEU B 214 18.22 -31.84 16.71
C LEU B 214 18.06 -32.42 15.30
N PHE B 215 19.18 -32.71 14.64
CA PHE B 215 19.16 -33.33 13.31
C PHE B 215 18.51 -34.71 13.33
N HIS B 216 18.79 -35.49 14.39
CA HIS B 216 18.13 -36.78 14.62
C HIS B 216 16.61 -36.62 14.68
N SER B 217 16.16 -35.71 15.54
CA SER B 217 14.72 -35.41 15.68
C SER B 217 14.07 -35.02 14.36
N ILE B 218 14.74 -34.18 13.58
CA ILE B 218 14.28 -33.79 12.24
C ILE B 218 14.16 -35.03 11.32
N ARG B 219 15.13 -35.94 11.42
CA ARG B 219 15.13 -37.19 10.62
C ARG B 219 14.11 -38.24 11.07
N MET B 220 13.84 -38.34 12.37
CA MET B 220 13.18 -39.53 12.94
C MET B 220 11.84 -39.27 13.63
N ASP B 221 11.81 -38.29 14.53
CA ASP B 221 10.65 -38.06 15.40
C ASP B 221 9.50 -37.39 14.66
N ASN B 222 8.27 -37.76 15.02
CA ASN B 222 7.06 -37.18 14.42
C ASN B 222 6.66 -35.92 15.20
N PRO B 223 6.32 -34.81 14.49
CA PRO B 223 5.95 -33.59 15.21
C PRO B 223 4.66 -33.71 16.05
N PHE B 224 4.67 -33.15 17.26
CA PHE B 224 3.52 -33.20 18.14
C PHE B 224 2.47 -32.18 17.73
N TYR B 225 1.21 -32.62 17.67
CA TYR B 225 0.08 -31.77 17.33
C TYR B 225 -0.88 -31.74 18.52
N PRO B 226 -1.00 -30.57 19.19
CA PRO B 226 -2.00 -30.42 20.24
C PRO B 226 -3.43 -30.74 19.79
N ARG B 227 -4.24 -31.22 20.73
CA ARG B 227 -5.67 -31.50 20.50
C ARG B 227 -6.48 -30.26 20.10
N TRP B 228 -6.10 -29.09 20.59
CA TRP B 228 -6.78 -27.83 20.25
C TRP B 228 -6.53 -27.31 18.83
N LEU B 229 -5.50 -27.82 18.16
CA LEU B 229 -5.12 -27.32 16.83
C LEU B 229 -6.15 -27.70 15.76
N GLU B 230 -6.56 -26.71 14.95
CA GLU B 230 -7.47 -26.91 13.80
C GLU B 230 -7.07 -28.08 12.91
N LYS B 231 -8.07 -28.89 12.52
CA LYS B 231 -7.87 -30.09 11.71
C LYS B 231 -7.13 -29.79 10.40
N GLU B 232 -7.52 -28.69 9.77
CA GLU B 232 -6.93 -28.28 8.49
C GLU B 232 -5.54 -27.66 8.64
N ALA B 233 -5.22 -27.14 9.82
CA ALA B 233 -3.86 -26.69 10.13
C ALA B 233 -2.93 -27.88 10.35
N LYS B 234 -3.42 -28.92 11.01
CA LYS B 234 -2.71 -30.19 11.15
C LYS B 234 -2.52 -30.82 9.77
N ASP B 235 -3.64 -31.02 9.06
CA ASP B 235 -3.66 -31.65 7.74
C ASP B 235 -2.59 -31.09 6.79
N LEU B 236 -2.45 -29.76 6.79
CA LEU B 236 -1.42 -29.07 6.00
C LEU B 236 -0.02 -29.34 6.52
N LEU B 237 0.17 -29.23 7.84
CA LEU B 237 1.48 -29.49 8.46
C LEU B 237 1.92 -30.95 8.29
N VAL B 238 0.99 -31.88 8.46
CA VAL B 238 1.26 -33.31 8.20
C VAL B 238 1.62 -33.53 6.71
N LYS B 239 0.92 -32.85 5.81
CA LYS B 239 1.22 -32.91 4.36
C LYS B 239 2.55 -32.23 3.99
N LEU B 240 2.90 -31.18 4.73
CA LEU B 240 4.20 -30.52 4.55
C LEU B 240 5.34 -31.37 5.12
N PHE B 241 5.11 -31.97 6.29
CA PHE B 241 6.08 -32.88 6.91
C PHE B 241 5.92 -34.30 6.36
N VAL B 242 6.38 -34.47 5.13
CA VAL B 242 6.49 -35.77 4.46
C VAL B 242 7.90 -35.83 3.92
N ARG B 243 8.72 -36.74 4.45
CA ARG B 243 10.17 -36.72 4.19
C ARG B 243 10.61 -37.09 2.77
N GLU B 244 9.74 -37.72 1.99
CA GLU B 244 10.00 -37.98 0.56
C GLU B 244 9.56 -36.74 -0.26
N PRO B 245 10.54 -35.93 -0.75
CA PRO B 245 10.20 -34.64 -1.39
C PRO B 245 9.20 -34.70 -2.54
N GLU B 246 9.26 -35.76 -3.35
CA GLU B 246 8.38 -35.93 -4.51
C GLU B 246 6.88 -35.99 -4.14
N LYS B 247 6.57 -36.58 -2.98
CA LYS B 247 5.19 -36.66 -2.46
C LYS B 247 4.82 -35.50 -1.53
N ARG B 248 5.74 -34.57 -1.30
CA ARG B 248 5.51 -33.45 -0.36
C ARG B 248 4.63 -32.38 -0.99
N LEU B 249 3.77 -31.78 -0.17
CA LEU B 249 2.89 -30.69 -0.61
C LEU B 249 3.70 -29.41 -0.76
N GLY B 250 3.35 -28.60 -1.76
CA GLY B 250 4.21 -27.49 -2.21
C GLY B 250 5.02 -27.90 -3.43
N VAL B 251 5.53 -29.13 -3.43
CA VAL B 251 6.17 -29.74 -4.59
C VAL B 251 5.10 -30.46 -5.42
N ARG B 252 4.40 -31.39 -4.77
CA ARG B 252 3.26 -32.11 -5.34
C ARG B 252 1.97 -31.33 -5.12
N GLY B 253 0.98 -31.56 -5.98
CA GLY B 253 -0.35 -30.96 -5.85
C GLY B 253 -0.38 -29.43 -5.92
N ASP B 254 -1.47 -28.85 -5.42
CA ASP B 254 -1.64 -27.40 -5.35
C ASP B 254 -1.86 -26.99 -3.90
N ILE B 255 -0.81 -26.47 -3.27
CA ILE B 255 -0.84 -25.96 -1.89
C ILE B 255 -1.93 -24.91 -1.67
N ARG B 256 -2.15 -24.06 -2.67
CA ARG B 256 -3.10 -22.94 -2.54
C ARG B 256 -4.55 -23.40 -2.34
N GLN B 257 -4.92 -24.51 -2.97
CA GLN B 257 -6.26 -25.09 -2.82
C GLN B 257 -6.45 -25.94 -1.54
N HIS B 258 -5.50 -25.90 -0.61
CA HIS B 258 -5.68 -26.56 0.69
C HIS B 258 -6.76 -25.82 1.51
N PRO B 259 -7.69 -26.58 2.14
CA PRO B 259 -8.79 -25.96 2.93
C PRO B 259 -8.43 -24.92 4.00
N LEU B 260 -7.17 -24.85 4.45
CA LEU B 260 -6.72 -23.80 5.35
C LEU B 260 -6.76 -22.42 4.69
N PHE B 261 -6.54 -22.38 3.37
CA PHE B 261 -6.59 -21.14 2.58
C PHE B 261 -7.93 -20.95 1.82
N ARG B 262 -8.95 -21.67 2.25
CA ARG B 262 -10.30 -21.67 1.68
C ARG B 262 -10.93 -20.28 1.52
N GLU B 263 -10.74 -19.42 2.54
CA GLU B 263 -11.32 -18.06 2.55
C GLU B 263 -10.48 -17.00 1.82
N ILE B 264 -9.30 -17.39 1.32
CA ILE B 264 -8.35 -16.44 0.71
C ILE B 264 -8.53 -16.33 -0.80
N ASN B 265 -8.50 -15.08 -1.30
CA ASN B 265 -8.47 -14.78 -2.72
C ASN B 265 -7.02 -14.42 -3.08
N TRP B 266 -6.36 -15.32 -3.81
CA TRP B 266 -4.89 -15.25 -4.00
C TRP B 266 -4.42 -14.12 -4.91
N GLU B 267 -5.19 -13.85 -5.95
CA GLU B 267 -4.87 -12.76 -6.88
C GLU B 267 -5.12 -11.43 -6.18
N GLU B 268 -6.20 -11.37 -5.40
CA GLU B 268 -6.52 -10.23 -4.55
C GLU B 268 -5.46 -10.01 -3.46
N LEU B 269 -5.01 -11.11 -2.85
CA LEU B 269 -3.99 -11.10 -1.80
C LEU B 269 -2.66 -10.57 -2.33
N GLU B 270 -2.23 -11.12 -3.47
CA GLU B 270 -0.98 -10.72 -4.12
C GLU B 270 -0.91 -9.23 -4.52
N ARG B 271 -2.07 -8.60 -4.72
CA ARG B 271 -2.13 -7.16 -5.03
C ARG B 271 -2.38 -6.26 -3.79
N LYS B 272 -2.18 -6.79 -2.59
CA LYS B 272 -2.36 -6.05 -1.31
C LYS B 272 -3.77 -5.48 -1.07
N GLU B 273 -4.78 -6.15 -1.60
CA GLU B 273 -6.19 -5.70 -1.46
C GLU B 273 -6.94 -6.37 -0.30
N ILE B 274 -6.31 -7.35 0.34
CA ILE B 274 -6.78 -7.90 1.61
C ILE B 274 -5.94 -7.24 2.70
N ASP B 275 -6.61 -6.55 3.63
CA ASP B 275 -5.93 -5.92 4.77
C ASP B 275 -5.38 -7.01 5.70
N PRO B 276 -4.17 -6.80 6.27
CA PRO B 276 -3.69 -7.80 7.22
C PRO B 276 -4.52 -7.79 8.50
N PRO B 277 -4.73 -8.97 9.10
CA PRO B 277 -5.50 -9.02 10.35
C PRO B 277 -4.80 -8.31 11.53
N PHE B 278 -3.47 -8.25 11.50
CA PHE B 278 -2.67 -7.58 12.53
C PHE B 278 -1.94 -6.36 11.96
N ARG B 279 -2.03 -5.24 12.67
CA ARG B 279 -1.21 -4.05 12.40
C ARG B 279 -0.25 -3.80 13.57
N PRO B 280 1.04 -3.52 13.29
CA PRO B 280 2.00 -3.20 14.36
C PRO B 280 1.57 -2.01 15.24
N LYS B 281 1.35 -2.27 16.53
CA LYS B 281 1.12 -1.20 17.51
C LYS B 281 2.44 -0.49 17.84
N VAL B 282 3.50 -1.27 18.02
CA VAL B 282 4.84 -0.72 18.26
C VAL B 282 5.43 -0.30 16.92
N LYS B 283 5.86 0.97 16.83
CA LYS B 283 6.43 1.54 15.61
C LYS B 283 7.96 1.59 15.72
N SER B 284 8.64 0.87 14.83
CA SER B 284 10.09 0.65 14.89
C SER B 284 10.55 -0.02 16.20
N PRO B 285 10.25 -1.33 16.36
CA PRO B 285 10.78 -2.09 17.48
C PRO B 285 12.21 -2.54 17.21
N PHE B 286 13.14 -1.61 17.40
CA PHE B 286 14.58 -1.83 17.20
C PHE B 286 15.33 -1.32 18.44
N ASP B 287 16.66 -1.41 18.41
CA ASP B 287 17.53 -0.92 19.50
C ASP B 287 17.87 0.55 19.28
N PRO B 300 26.14 7.44 15.49
CA PRO B 300 26.18 6.29 14.59
C PRO B 300 27.28 6.44 13.53
N ARG B 301 28.18 5.46 13.48
CA ARG B 301 29.32 5.48 12.55
C ARG B 301 29.74 4.06 12.16
N LEU B 302 30.37 3.95 10.97
CA LEU B 302 30.95 2.68 10.51
C LEU B 302 32.24 2.39 11.26
N SEP B 303 32.45 1.13 11.62
CA SEP B 303 33.59 0.72 12.45
CB SEP B 303 33.33 -0.66 13.06
OG SEP B 303 32.22 -0.63 13.95
C SEP B 303 34.91 0.72 11.67
O SEP B 303 35.26 -0.26 11.02
P SEP B 303 31.92 -2.05 14.65
O1P SEP B 303 30.69 -1.89 15.69
O2P SEP B 303 31.51 -3.15 13.53
O3P SEP B 303 33.22 -2.58 15.44
N ARG B 307 43.41 -3.44 7.05
CA ARG B 307 44.13 -2.80 5.95
C ARG B 307 45.11 -3.74 5.23
N ALA B 308 45.77 -4.62 5.98
CA ALA B 308 46.66 -5.64 5.41
C ALA B 308 45.90 -6.68 4.59
N LEU B 309 44.79 -7.17 5.13
CA LEU B 309 43.93 -8.15 4.44
C LEU B 309 43.23 -7.54 3.23
N ILE B 310 42.85 -6.28 3.32
CA ILE B 310 42.17 -5.56 2.22
C ILE B 310 43.11 -5.28 1.04
N ASN B 311 44.32 -4.82 1.34
CA ASN B 311 45.36 -4.60 0.32
C ASN B 311 45.86 -5.90 -0.31
N SER B 312 46.03 -6.94 0.52
CA SER B 312 46.42 -8.28 0.06
C SER B 312 45.25 -9.12 -0.46
N MET B 313 44.01 -8.61 -0.36
CA MET B 313 42.86 -9.24 -1.02
C MET B 313 42.94 -9.03 -2.52
N ASP B 314 42.40 -9.99 -3.27
CA ASP B 314 42.18 -9.81 -4.71
C ASP B 314 41.09 -8.75 -4.85
N GLN B 315 41.50 -7.57 -5.33
CA GLN B 315 40.61 -6.41 -5.45
C GLN B 315 39.35 -6.71 -6.28
N ASN B 316 39.52 -7.50 -7.33
CA ASN B 316 38.45 -7.85 -8.27
C ASN B 316 37.47 -8.95 -7.81
N MET B 317 37.55 -9.35 -6.54
CA MET B 317 36.64 -10.38 -6.00
C MET B 317 35.19 -9.91 -5.96
N PHE B 318 34.98 -8.67 -5.48
CA PHE B 318 33.64 -8.08 -5.38
C PHE B 318 33.30 -7.22 -6.61
N ARG B 319 33.53 -7.77 -7.81
CA ARG B 319 33.28 -7.07 -9.08
C ARG B 319 31.85 -7.31 -9.56
N ASN B 320 31.34 -6.38 -10.37
CA ASN B 320 29.94 -6.37 -10.82
C ASN B 320 28.91 -6.38 -9.67
N PHE B 321 29.28 -5.80 -8.54
CA PHE B 321 28.41 -5.71 -7.36
C PHE B 321 27.46 -4.53 -7.48
N SEP B 322 27.96 -3.44 -8.05
CA SEP B 322 27.17 -2.22 -8.27
CB SEP B 322 28.03 -1.11 -8.87
OG SEP B 322 28.87 -0.54 -7.88
C SEP B 322 25.95 -2.47 -9.16
O SEP B 322 26.04 -3.20 -10.13
P SEP B 322 30.44 -0.66 -8.22
O1P SEP B 322 30.73 -0.07 -9.70
O2P SEP B 322 30.86 -2.20 -8.17
O3P SEP B 322 31.26 0.19 -7.14
N PHE B 323 24.84 -1.85 -8.79
CA PHE B 323 23.58 -1.99 -9.52
C PHE B 323 22.61 -0.91 -9.10
N MET B 324 21.67 -0.57 -9.97
CA MET B 324 20.58 0.34 -9.64
C MET B 324 19.32 -0.01 -10.41
N ASN B 325 18.28 -0.43 -9.68
CA ASN B 325 16.95 -0.68 -10.25
C ASN B 325 16.29 0.67 -10.59
N PRO B 326 15.86 0.86 -11.88
CA PRO B 326 15.21 2.11 -12.36
C PRO B 326 14.25 2.86 -11.41
N GLY B 327 13.62 2.13 -10.48
CA GLY B 327 12.84 2.74 -9.39
C GLY B 327 13.58 3.72 -8.49
N MET B 328 14.90 3.58 -8.39
CA MET B 328 15.76 4.53 -7.68
C MET B 328 15.83 5.87 -8.44
C1 3L0 C . -13.68 6.12 0.57
N2 3L0 C . -13.55 7.55 0.28
C3 3L0 C . -12.29 8.14 0.78
C4 3L0 C . -13.08 9.33 1.38
C5 3L0 C . -13.17 10.55 0.47
C6 3L0 C . -14.30 8.39 1.25
N7 3L0 C . -12.62 9.70 2.72
C8 3L0 C . -11.19 9.98 2.94
C9 3L0 C . -13.52 9.92 3.76
C10 3L0 C . -13.91 11.23 3.89
C11 3L0 C . -14.82 11.62 4.87
N12 3L0 C . -15.20 12.96 5.06
C13 3L0 C . -14.31 14.08 4.62
C15 3L0 C . -12.99 14.07 5.41
C16 3L0 C . -14.97 15.42 4.76
O17 3L0 C . -14.41 16.39 4.29
N18 3L0 C . -16.15 15.53 5.40
N19 3L0 C . -16.81 14.43 5.96
C20 3L0 C . -16.37 13.23 5.78
C21 3L0 C . -17.13 12.07 6.39
O22 3L0 C . -16.22 11.02 6.71
C23 3L0 C . -15.34 10.66 5.75
C24 3L0 C . -14.95 9.33 5.62
C25 3L0 C . -14.04 8.93 4.64
C26 3L0 C . -13.69 7.49 4.59
C27 3L0 C . -14.69 6.51 4.52
C28 3L0 C . -14.35 5.16 4.50
C29 3L0 C . -13.01 4.78 4.56
C30 3L0 C . -12.02 5.75 4.63
C31 3L0 C . -12.35 7.09 4.66
NA NA D . -9.60 -7.00 -22.47
C1 EDO E . -8.27 7.99 -2.29
O1 EDO E . -9.15 6.97 -1.82
C2 EDO E . -6.87 7.42 -2.52
O2 EDO E . -6.45 7.54 -3.89
C1 EDO F . -7.25 1.81 1.14
O1 EDO F . -6.55 0.57 1.25
C2 EDO F . -6.25 2.96 1.05
O2 EDO F . -5.76 3.37 2.34
C1 3L0 G . 16.90 -10.53 12.53
N2 3L0 G . 16.74 -10.57 11.06
C3 3L0 G . 18.01 -10.38 10.34
C4 3L0 G . 17.34 -9.32 9.45
C5 3L0 G . 16.88 -9.83 8.08
C6 3L0 G . 16.23 -9.29 10.53
N7 3L0 G . 18.15 -8.10 9.28
C8 3L0 G . 19.54 -8.22 8.81
C9 3L0 G . 17.62 -6.81 9.48
C10 3L0 G . 17.06 -6.24 8.35
C11 3L0 G . 16.49 -4.97 8.38
N12 3L0 G . 15.90 -4.35 7.25
C13 3L0 G . 16.27 -4.73 5.86
C15 3L0 G . 17.64 -4.15 5.49
C16 3L0 G . 15.23 -4.28 4.84
O17 3L0 G . 15.26 -4.72 3.71
N18 3L0 G . 14.29 -3.39 5.20
N19 3L0 G . 14.23 -2.87 6.51
C20 3L0 G . 14.97 -3.32 7.47
C21 3L0 G . 14.83 -2.71 8.84
O22 3L0 G . 15.96 -3.02 9.66
C23 3L0 G . 16.49 -4.25 9.60
C24 3L0 G . 17.07 -4.81 10.74
C25 3L0 G . 17.64 -6.10 10.70
C26 3L0 G . 18.23 -6.63 11.94
C27 3L0 G . 17.46 -6.73 13.11
C28 3L0 G . 18.01 -7.22 14.28
C29 3L0 G . 19.35 -7.60 14.31
C30 3L0 G . 20.13 -7.50 13.16
C31 3L0 G . 19.58 -7.01 11.99
#